data_5C5Y
#
_entry.id   5C5Y
#
_cell.length_a   115.840
_cell.length_b   115.840
_cell.length_c   400.100
_cell.angle_alpha   90.000
_cell.angle_beta   90.000
_cell.angle_gamma   120.000
#
_symmetry.space_group_name_H-M   'P 61 2 2'
#
loop_
_entity.id
_entity.type
_entity.pdbx_description
1 polymer 'Deoxyribose-phosphate aldolase'
2 non-polymer 'UNKNOWN LIGAND'
3 non-polymer GLYCEROL
4 water water
#
_entity_poly.entity_id   1
_entity_poly.type   'polypeptide(L)'
_entity_poly.pdbx_seq_one_letter_code
;MSDIKAVAQRALSLMDLTSLTNTETDQEIIDLCRQAKSPAGETAAICIFPRFIPVAKKALKAQQTPHIKIATVTNFPQGN
DDLDIALAETRAAVAYGADEVDLVFPYRALIQGNETIGFDMVKVCKQACSGNAKLKVIIETGELKSEELIRKASEIAINA
GADFIKTSTGKVAINATPEAAKVMLTVIKNKNTAVGFKPAGGVRNADDAAIYLDLADNILGNEWADANHFRFGASSLLIS
LLDTLGHKSNTKSSSNYHHHHHH
;
_entity_poly.pdbx_strand_id   A,B,C,D
#
loop_
_chem_comp.id
_chem_comp.type
_chem_comp.name
_chem_comp.formula
GOL non-polymer GLYCEROL 'C3 H8 O3'
UNL non-polymer 'UNKNOWN LIGAND' ?
#
# COMPACT_ATOMS: atom_id res chain seq x y z
N SER A 2 -3.86 38.70 22.41
CA SER A 2 -4.00 37.36 22.96
C SER A 2 -3.10 37.14 24.17
N ASP A 3 -3.48 36.22 25.03
CA ASP A 3 -2.63 35.84 26.17
C ASP A 3 -1.49 34.94 25.69
N ILE A 4 -0.26 35.33 25.98
CA ILE A 4 0.92 34.67 25.40
C ILE A 4 1.12 33.22 25.85
N LYS A 5 0.76 32.91 27.09
CA LYS A 5 0.91 31.54 27.59
C LYS A 5 -0.14 30.64 26.97
N ALA A 6 -1.36 31.15 26.85
CA ALA A 6 -2.45 30.39 26.23
C ALA A 6 -2.11 30.12 24.78
N VAL A 7 -1.50 31.10 24.11
CA VAL A 7 -1.09 30.89 22.72
C VAL A 7 -0.04 29.78 22.65
N ALA A 8 0.88 29.79 23.62
CA ALA A 8 1.96 28.81 23.65
C ALA A 8 1.39 27.40 23.74
N GLN A 9 0.41 27.22 24.62
CA GLN A 9 -0.27 25.95 24.79
C GLN A 9 -1.03 25.53 23.53
N ARG A 10 -1.76 26.47 22.96
CA ARG A 10 -2.49 26.21 21.72
C ARG A 10 -1.54 25.83 20.58
N ALA A 11 -0.46 26.60 20.43
CA ALA A 11 0.45 26.40 19.30
C ALA A 11 1.19 25.07 19.40
N LEU A 12 1.43 24.61 20.62
CA LEU A 12 2.18 23.38 20.82
C LEU A 12 1.46 22.16 20.23
N SER A 13 0.14 22.10 20.41
CA SER A 13 -0.63 20.98 19.90
C SER A 13 -0.81 21.02 18.39
N LEU A 14 -0.41 22.12 17.77
CA LEU A 14 -0.51 22.26 16.31
C LEU A 14 0.85 22.08 15.63
N MET A 15 1.88 21.76 16.40
CA MET A 15 3.22 21.65 15.83
C MET A 15 3.45 20.38 14.99
N ASP A 16 4.09 20.59 13.86
CA ASP A 16 4.77 19.53 13.15
C ASP A 16 6.23 19.60 13.58
N LEU A 17 6.58 18.87 14.64
CA LEU A 17 7.93 18.96 15.19
C LEU A 17 8.94 18.44 14.16
N THR A 18 9.84 19.30 13.72
CA THR A 18 10.60 19.05 12.51
C THR A 18 12.09 18.82 12.72
N SER A 19 12.62 17.81 12.04
CA SER A 19 14.07 17.62 11.92
C SER A 19 14.40 17.26 10.47
N LEU A 20 15.05 18.17 9.76
CA LEU A 20 15.38 17.97 8.35
C LEU A 20 16.83 18.40 8.08
N THR A 21 17.76 17.83 8.84
CA THR A 21 19.17 18.12 8.62
C THR A 21 19.76 17.24 7.50
N ASN A 22 19.07 16.13 7.25
CA ASN A 22 19.51 15.10 6.29
C ASN A 22 20.77 14.35 6.75
N THR A 23 21.14 14.52 8.01
CA THR A 23 22.22 13.71 8.58
C THR A 23 21.79 13.02 9.89
N GLU A 24 20.48 12.97 10.15
CA GLU A 24 19.98 12.33 11.36
C GLU A 24 20.33 10.84 11.42
N THR A 25 20.57 10.35 12.63
CA THR A 25 20.70 8.93 12.91
C THR A 25 19.41 8.41 13.53
N ASP A 26 19.29 7.09 13.64
CA ASP A 26 18.11 6.48 14.25
C ASP A 26 17.85 7.05 15.63
N GLN A 27 18.92 7.29 16.38
CA GLN A 27 18.80 7.78 17.75
C GLN A 27 18.20 9.18 17.79
N GLU A 28 18.58 10.03 16.83
CA GLU A 28 18.06 11.39 16.80
C GLU A 28 16.57 11.40 16.45
N ILE A 29 16.15 10.42 15.66
CA ILE A 29 14.75 10.28 15.26
C ILE A 29 13.89 9.83 16.46
N ILE A 30 14.37 8.82 17.17
CA ILE A 30 13.74 8.35 18.40
C ILE A 30 13.63 9.48 19.43
N ASP A 31 14.70 10.27 19.55
CA ASP A 31 14.70 11.42 20.44
C ASP A 31 13.68 12.48 20.01
N LEU A 32 13.54 12.66 18.69
CA LEU A 32 12.54 13.60 18.17
C LEU A 32 11.13 13.15 18.57
N CYS A 33 10.89 11.85 18.46
CA CYS A 33 9.61 11.28 18.85
C CYS A 33 9.37 11.46 20.35
N ARG A 34 10.42 11.30 21.14
CA ARG A 34 10.33 11.52 22.59
C ARG A 34 9.93 12.96 22.88
N GLN A 35 10.57 13.91 22.22
CA GLN A 35 10.28 15.34 22.41
C GLN A 35 8.85 15.67 22.02
N ALA A 36 8.33 15.01 20.98
CA ALA A 36 6.95 15.26 20.54
C ALA A 36 5.93 14.84 21.60
N LYS A 37 6.31 13.89 22.45
CA LYS A 37 5.49 13.54 23.61
C LYS A 37 5.92 14.44 24.78
N SER A 38 5.51 15.70 24.73
CA SER A 38 6.04 16.73 25.62
C SER A 38 5.27 16.76 26.95
N PRO A 39 5.87 17.34 27.99
CA PRO A 39 5.14 17.41 29.27
C PRO A 39 3.90 18.33 29.21
N ALA A 40 3.78 19.15 28.17
CA ALA A 40 2.60 20.00 28.00
C ALA A 40 1.57 19.39 27.04
N GLY A 41 1.87 18.20 26.52
CA GLY A 41 0.99 17.55 25.57
C GLY A 41 1.72 17.11 24.32
N GLU A 42 1.06 16.34 23.47
CA GLU A 42 1.68 15.84 22.23
C GLU A 42 1.55 16.86 21.12
N THR A 43 2.59 16.97 20.31
CA THR A 43 2.50 17.77 19.09
C THR A 43 1.55 17.06 18.11
N ALA A 44 1.09 17.76 17.08
CA ALA A 44 0.20 17.15 16.10
C ALA A 44 0.96 16.09 15.28
N ALA A 45 2.23 16.35 15.03
CA ALA A 45 3.01 15.48 14.14
C ALA A 45 4.50 15.66 14.36
N ILE A 46 5.28 14.80 13.71
CA ILE A 46 6.69 15.09 13.47
C ILE A 46 6.88 15.24 11.96
N CYS A 47 7.98 15.87 11.53
CA CYS A 47 8.27 16.01 10.11
C CYS A 47 9.75 15.70 9.89
N ILE A 48 10.00 14.66 9.08
CA ILE A 48 11.34 14.10 8.91
C ILE A 48 11.53 13.66 7.46
N PHE A 49 12.76 13.36 7.06
CA PHE A 49 12.98 12.85 5.71
C PHE A 49 12.45 11.42 5.59
N PRO A 50 12.01 11.02 4.37
CA PRO A 50 11.27 9.75 4.18
C PRO A 50 11.94 8.51 4.75
N ARG A 51 13.26 8.39 4.64
CA ARG A 51 13.94 7.17 5.05
C ARG A 51 13.87 6.92 6.55
N PHE A 52 13.49 7.92 7.33
CA PHE A 52 13.46 7.76 8.78
C PHE A 52 12.09 7.32 9.30
N ILE A 53 11.12 7.26 8.40
CA ILE A 53 9.74 6.94 8.77
C ILE A 53 9.56 5.59 9.47
N PRO A 54 10.19 4.49 8.95
CA PRO A 54 10.02 3.23 9.68
C PRO A 54 10.57 3.24 11.11
N VAL A 55 11.70 3.89 11.34
CA VAL A 55 12.25 3.96 12.68
C VAL A 55 11.33 4.81 13.56
N ALA A 56 10.84 5.92 13.02
CA ALA A 56 9.93 6.80 13.74
C ALA A 56 8.63 6.09 14.11
N LYS A 57 8.07 5.34 13.16
CA LYS A 57 6.86 4.56 13.39
C LYS A 57 7.05 3.61 14.56
N LYS A 58 8.17 2.89 14.55
CA LYS A 58 8.47 1.95 15.63
C LYS A 58 8.59 2.68 16.97
N ALA A 59 9.24 3.83 16.97
CA ALA A 59 9.47 4.57 18.20
C ALA A 59 8.17 5.18 18.75
N LEU A 60 7.33 5.70 17.85
CA LEU A 60 6.06 6.28 18.27
C LEU A 60 5.15 5.21 18.88
N LYS A 61 5.16 4.02 18.29
CA LYS A 61 4.37 2.93 18.83
C LYS A 61 4.88 2.52 20.22
N ALA A 62 6.21 2.45 20.36
CA ALA A 62 6.80 1.99 21.62
C ALA A 62 6.54 2.96 22.79
N GLN A 63 6.41 4.25 22.51
CA GLN A 63 6.11 5.22 23.57
C GLN A 63 4.61 5.44 23.65
N GLN A 64 3.86 4.61 22.92
CA GLN A 64 2.41 4.62 22.90
C GLN A 64 1.82 5.99 22.56
N THR A 65 2.32 6.61 21.51
CA THR A 65 1.68 7.82 21.00
C THR A 65 1.28 7.64 19.53
N PRO A 66 0.25 6.81 19.27
CA PRO A 66 -0.16 6.48 17.90
C PRO A 66 -0.74 7.67 17.15
N HIS A 67 -1.28 8.64 17.87
CA HIS A 67 -1.97 9.76 17.24
C HIS A 67 -1.02 10.86 16.77
N ILE A 68 0.27 10.72 17.05
CA ILE A 68 1.23 11.68 16.53
C ILE A 68 1.52 11.25 15.09
N LYS A 69 1.11 12.07 14.13
CA LYS A 69 1.23 11.73 12.71
C LYS A 69 2.68 11.84 12.23
N ILE A 70 3.04 11.07 11.21
CA ILE A 70 4.36 11.22 10.62
C ILE A 70 4.26 11.94 9.28
N ALA A 71 4.81 13.15 9.24
CA ALA A 71 4.86 13.92 8.01
C ALA A 71 6.26 13.83 7.41
N THR A 72 6.35 13.97 6.10
CA THR A 72 7.65 13.98 5.45
C THR A 72 7.65 15.01 4.32
N VAL A 73 8.73 15.09 3.55
CA VAL A 73 8.84 16.10 2.48
C VAL A 73 9.26 15.43 1.17
N THR A 74 8.76 15.94 0.04
CA THR A 74 9.19 15.47 -1.27
C THR A 74 9.39 16.66 -2.21
N ASN A 75 10.13 16.44 -3.30
CA ASN A 75 10.55 17.49 -4.22
C ASN A 75 11.26 18.59 -3.46
N PHE A 76 12.00 18.19 -2.43
CA PHE A 76 12.45 19.07 -1.37
C PHE A 76 13.98 19.17 -1.30
N PRO A 77 14.51 20.39 -1.10
CA PRO A 77 13.80 21.66 -0.93
C PRO A 77 13.62 22.48 -2.22
N GLN A 78 14.23 22.05 -3.32
CA GLN A 78 14.35 22.91 -4.52
C GLN A 78 13.02 23.25 -5.22
N GLY A 79 12.02 22.39 -5.13
CA GLY A 79 10.79 22.63 -5.85
C GLY A 79 11.03 22.62 -7.37
N ASN A 80 11.83 21.67 -7.82
CA ASN A 80 12.09 21.51 -9.25
C ASN A 80 10.81 21.17 -10.01
N ASP A 81 10.82 21.31 -11.33
CA ASP A 81 9.59 21.11 -12.09
C ASP A 81 9.56 19.77 -12.82
N ASP A 82 10.24 18.76 -12.28
CA ASP A 82 10.25 17.43 -12.87
C ASP A 82 9.16 16.60 -12.20
N LEU A 83 8.06 16.37 -12.93
CA LEU A 83 6.91 15.68 -12.39
C LEU A 83 7.23 14.24 -12.00
N ASP A 84 7.98 13.54 -12.85
CA ASP A 84 8.29 12.13 -12.60
C ASP A 84 9.09 11.95 -11.31
N ILE A 85 10.01 12.86 -11.06
CA ILE A 85 10.81 12.76 -9.84
C ILE A 85 9.94 13.02 -8.60
N ALA A 86 9.12 14.07 -8.64
CA ALA A 86 8.26 14.42 -7.51
C ALA A 86 7.26 13.30 -7.23
N LEU A 87 6.71 12.73 -8.30
CA LEU A 87 5.79 11.59 -8.19
C LEU A 87 6.44 10.37 -7.57
N ALA A 88 7.63 10.00 -8.05
CA ALA A 88 8.32 8.82 -7.51
C ALA A 88 8.67 9.00 -6.03
N GLU A 89 9.07 10.21 -5.64
CA GLU A 89 9.39 10.47 -4.23
C GLU A 89 8.15 10.40 -3.36
N THR A 90 7.04 10.91 -3.88
CA THR A 90 5.79 10.89 -3.14
C THR A 90 5.32 9.45 -2.98
N ARG A 91 5.46 8.65 -4.04
CA ARG A 91 5.09 7.24 -3.96
C ARG A 91 5.94 6.49 -2.94
N ALA A 92 7.23 6.83 -2.86
CA ALA A 92 8.12 6.18 -1.91
C ALA A 92 7.79 6.60 -0.47
N ALA A 93 7.53 7.89 -0.29
CA ALA A 93 7.13 8.42 1.02
C ALA A 93 5.89 7.68 1.55
N VAL A 94 4.90 7.46 0.67
CA VAL A 94 3.72 6.69 1.01
C VAL A 94 4.08 5.25 1.35
N ALA A 95 4.92 4.64 0.52
CA ALA A 95 5.39 3.27 0.72
C ALA A 95 6.13 3.11 2.05
N TYR A 96 6.93 4.11 2.41
CA TYR A 96 7.62 4.10 3.70
C TYR A 96 6.64 4.10 4.87
N GLY A 97 5.47 4.70 4.66
CA GLY A 97 4.44 4.75 5.70
C GLY A 97 4.06 6.15 6.16
N ALA A 98 4.40 7.17 5.37
CA ALA A 98 4.05 8.54 5.75
C ALA A 98 2.55 8.71 5.97
N ASP A 99 2.18 9.48 6.98
CA ASP A 99 0.79 9.86 7.17
C ASP A 99 0.50 11.11 6.35
N GLU A 100 1.52 11.94 6.19
CA GLU A 100 1.37 13.21 5.50
C GLU A 100 2.61 13.47 4.65
N VAL A 101 2.39 14.00 3.45
CA VAL A 101 3.51 14.34 2.57
C VAL A 101 3.47 15.82 2.28
N ASP A 102 4.56 16.51 2.62
CA ASP A 102 4.68 17.94 2.36
C ASP A 102 5.51 18.15 1.07
N LEU A 103 4.80 18.41 -0.03
CA LEU A 103 5.40 18.52 -1.36
C LEU A 103 5.80 19.96 -1.68
N VAL A 104 7.01 20.18 -2.19
CA VAL A 104 7.36 21.51 -2.67
C VAL A 104 6.82 21.75 -4.09
N PHE A 105 6.01 22.80 -4.21
CA PHE A 105 5.43 23.28 -5.45
C PHE A 105 6.55 23.74 -6.37
N PRO A 106 6.38 23.54 -7.69
CA PRO A 106 7.40 24.06 -8.62
C PRO A 106 7.26 25.57 -8.80
N TYR A 107 7.71 26.32 -7.80
CA TYR A 107 7.46 27.74 -7.74
C TYR A 107 8.30 28.54 -8.73
N ARG A 108 9.52 28.08 -9.02
CA ARG A 108 10.32 28.76 -10.05
C ARG A 108 9.66 28.64 -11.44
N ALA A 109 9.03 27.51 -11.71
CA ALA A 109 8.32 27.37 -13.00
C ALA A 109 7.17 28.36 -13.05
N LEU A 110 6.47 28.52 -11.93
CA LEU A 110 5.34 29.44 -11.87
C LEU A 110 5.80 30.87 -12.12
N ILE A 111 6.91 31.25 -11.51
CA ILE A 111 7.49 32.59 -11.70
C ILE A 111 7.82 32.83 -13.18
N GLN A 112 8.23 31.78 -13.90
CA GLN A 112 8.52 31.91 -15.32
C GLN A 112 7.26 31.80 -16.19
N GLY A 113 6.11 31.61 -15.57
CA GLY A 113 4.87 31.65 -16.31
C GLY A 113 4.26 30.28 -16.59
N ASN A 114 4.90 29.23 -16.11
CA ASN A 114 4.36 27.89 -16.32
C ASN A 114 3.49 27.51 -15.11
N GLU A 115 2.18 27.64 -15.31
CA GLU A 115 1.22 27.40 -14.25
C GLU A 115 0.73 25.96 -14.29
N THR A 116 0.92 25.31 -15.44
CA THR A 116 0.37 23.99 -15.66
C THR A 116 1.16 22.91 -14.92
N ILE A 117 2.48 23.02 -14.91
CA ILE A 117 3.29 22.00 -14.25
C ILE A 117 2.94 21.94 -12.75
N GLY A 118 2.63 23.08 -12.15
CA GLY A 118 2.28 23.12 -10.73
C GLY A 118 1.00 22.36 -10.46
N PHE A 119 -0.03 22.63 -11.28
CA PHE A 119 -1.29 21.90 -11.18
C PHE A 119 -1.07 20.39 -11.38
N ASP A 120 -0.40 20.02 -12.48
CA ASP A 120 -0.20 18.61 -12.80
C ASP A 120 0.58 17.89 -11.71
N MET A 121 1.64 18.51 -11.22
CA MET A 121 2.46 17.88 -10.20
C MET A 121 1.68 17.65 -8.90
N VAL A 122 0.98 18.68 -8.41
CA VAL A 122 0.21 18.54 -7.17
C VAL A 122 -0.86 17.47 -7.33
N LYS A 123 -1.50 17.45 -8.49
CA LYS A 123 -2.59 16.49 -8.71
C LYS A 123 -2.12 15.03 -8.71
N VAL A 124 -1.07 14.71 -9.47
CA VAL A 124 -0.61 13.31 -9.50
C VAL A 124 -0.08 12.88 -8.13
N CYS A 125 0.56 13.80 -7.41
CA CYS A 125 1.04 13.50 -6.06
C CYS A 125 -0.12 13.32 -5.06
N LYS A 126 -1.19 14.09 -5.23
CA LYS A 126 -2.40 13.89 -4.44
C LYS A 126 -2.97 12.49 -4.71
N GLN A 127 -3.00 12.10 -5.98
CA GLN A 127 -3.50 10.78 -6.33
C GLN A 127 -2.63 9.68 -5.71
N ALA A 128 -1.33 9.89 -5.68
CA ALA A 128 -0.43 8.88 -5.12
C ALA A 128 -0.67 8.69 -3.62
N CYS A 129 -1.20 9.73 -2.97
CA CYS A 129 -1.50 9.67 -1.54
C CYS A 129 -2.85 9.04 -1.21
N SER A 130 -3.66 8.77 -2.24
CA SER A 130 -5.05 8.36 -2.03
C SER A 130 -5.14 7.14 -1.13
N GLY A 131 -5.91 7.29 -0.05
CA GLY A 131 -6.13 6.19 0.87
C GLY A 131 -5.05 6.05 1.93
N ASN A 132 -3.97 6.83 1.85
CA ASN A 132 -2.85 6.59 2.76
C ASN A 132 -2.31 7.82 3.46
N ALA A 133 -2.39 8.98 2.80
CA ALA A 133 -1.77 10.18 3.37
C ALA A 133 -2.46 11.45 2.91
N LYS A 134 -2.26 12.51 3.70
CA LYS A 134 -2.66 13.86 3.30
C LYS A 134 -1.51 14.55 2.59
N LEU A 135 -1.84 15.44 1.66
CA LEU A 135 -0.82 16.16 0.89
C LEU A 135 -0.80 17.63 1.28
N LYS A 136 0.34 18.09 1.81
CA LYS A 136 0.54 19.51 2.01
C LYS A 136 1.40 20.04 0.86
N VAL A 137 1.16 21.29 0.46
CA VAL A 137 1.91 21.83 -0.67
C VAL A 137 2.64 23.09 -0.25
N ILE A 138 3.97 23.02 -0.32
CA ILE A 138 4.82 24.16 0.03
C ILE A 138 5.01 25.08 -1.17
N ILE A 139 4.52 26.30 -1.09
CA ILE A 139 4.61 27.16 -2.28
C ILE A 139 5.81 28.09 -2.24
N GLU A 140 6.55 28.09 -1.11
CA GLU A 140 7.75 28.91 -0.92
C GLU A 140 7.51 30.41 -1.14
N THR A 141 6.70 30.98 -0.26
CA THR A 141 6.29 32.38 -0.36
C THR A 141 7.47 33.35 -0.30
N GLY A 142 8.55 32.93 0.33
CA GLY A 142 9.74 33.77 0.43
C GLY A 142 10.40 34.00 -0.91
N GLU A 143 10.17 33.06 -1.84
CA GLU A 143 10.70 33.18 -3.19
C GLU A 143 9.68 33.78 -4.16
N LEU A 144 8.40 33.46 -3.96
CA LEU A 144 7.33 34.06 -4.77
C LEU A 144 7.24 35.56 -4.54
N LYS A 145 7.37 35.96 -3.26
CA LYS A 145 7.46 37.36 -2.84
C LYS A 145 6.20 38.20 -3.06
N SER A 146 5.68 38.24 -4.28
CA SER A 146 4.56 39.14 -4.54
C SER A 146 3.26 38.53 -4.07
N GLU A 147 2.33 39.38 -3.69
CA GLU A 147 1.00 38.94 -3.29
C GLU A 147 0.33 38.15 -4.40
N GLU A 148 0.49 38.63 -5.64
CA GLU A 148 -0.13 38.02 -6.81
C GLU A 148 0.34 36.57 -7.00
N LEU A 149 1.64 36.35 -6.89
CA LEU A 149 2.20 35.00 -7.09
C LEU A 149 1.88 34.08 -5.93
N ILE A 150 1.86 34.63 -4.72
CA ILE A 150 1.48 33.84 -3.55
C ILE A 150 0.02 33.40 -3.67
N ARG A 151 -0.86 34.33 -4.06
CA ARG A 151 -2.25 33.99 -4.27
C ARG A 151 -2.42 32.95 -5.39
N LYS A 152 -1.69 33.14 -6.48
CA LYS A 152 -1.82 32.22 -7.62
C LYS A 152 -1.35 30.80 -7.30
N ALA A 153 -0.19 30.65 -6.66
CA ALA A 153 0.30 29.33 -6.28
C ALA A 153 -0.69 28.65 -5.32
N SER A 154 -1.28 29.42 -4.41
CA SER A 154 -2.27 28.86 -3.49
C SER A 154 -3.50 28.37 -4.24
N GLU A 155 -4.01 29.17 -5.16
CA GLU A 155 -5.18 28.77 -5.93
C GLU A 155 -4.90 27.49 -6.72
N ILE A 156 -3.74 27.43 -7.37
CA ILE A 156 -3.38 26.26 -8.16
C ILE A 156 -3.25 25.02 -7.28
N ALA A 157 -2.53 25.15 -6.16
CA ALA A 157 -2.39 24.02 -5.23
C ALA A 157 -3.75 23.51 -4.76
N ILE A 158 -4.63 24.44 -4.36
CA ILE A 158 -5.96 24.05 -3.88
C ILE A 158 -6.78 23.39 -5.00
N ASN A 159 -6.80 24.00 -6.20
CA ASN A 159 -7.51 23.39 -7.33
C ASN A 159 -7.01 21.99 -7.68
N ALA A 160 -5.71 21.76 -7.52
CA ALA A 160 -5.14 20.46 -7.85
C ALA A 160 -5.31 19.41 -6.74
N GLY A 161 -5.80 19.85 -5.57
CA GLY A 161 -6.17 18.93 -4.52
C GLY A 161 -5.38 18.96 -3.20
N ALA A 162 -4.57 20.00 -2.98
CA ALA A 162 -3.82 20.16 -1.74
C ALA A 162 -4.70 20.04 -0.50
N ASP A 163 -4.27 19.24 0.49
CA ASP A 163 -5.01 19.17 1.77
C ASP A 163 -4.61 20.31 2.68
N PHE A 164 -3.38 20.78 2.52
CA PHE A 164 -2.82 21.94 3.22
C PHE A 164 -2.02 22.77 2.21
N ILE A 165 -1.97 24.08 2.43
CA ILE A 165 -0.95 24.88 1.78
C ILE A 165 0.00 25.42 2.87
N LYS A 166 1.28 25.33 2.56
CA LYS A 166 2.36 25.55 3.51
C LYS A 166 3.25 26.66 2.97
N THR A 167 3.73 27.56 3.83
CA THR A 167 4.41 28.74 3.31
C THR A 167 5.79 28.43 2.75
N SER A 168 6.56 27.58 3.42
CA SER A 168 8.01 27.60 3.22
C SER A 168 8.68 26.26 3.49
N THR A 169 9.87 26.07 2.91
CA THR A 169 10.68 24.89 3.20
C THR A 169 11.50 25.05 4.47
N GLY A 170 11.73 26.31 4.85
CA GLY A 170 12.63 26.63 5.94
C GLY A 170 14.07 26.65 5.45
N LYS A 171 14.28 26.40 4.16
CA LYS A 171 15.64 26.32 3.65
C LYS A 171 16.06 27.51 2.79
N VAL A 172 15.20 28.52 2.70
CA VAL A 172 15.56 29.74 1.98
C VAL A 172 15.61 30.92 2.94
N ALA A 173 16.08 32.06 2.45
CA ALA A 173 16.34 33.22 3.30
C ALA A 173 15.08 33.73 3.97
N ILE A 174 13.97 33.78 3.24
CA ILE A 174 12.73 34.31 3.78
C ILE A 174 11.69 33.20 3.86
N ASN A 175 11.10 33.03 5.05
CA ASN A 175 10.14 31.97 5.22
C ASN A 175 8.76 32.52 5.59
N ALA A 176 8.11 31.99 6.62
CA ALA A 176 6.76 32.46 6.94
C ALA A 176 6.79 33.96 7.24
N THR A 177 5.82 34.69 6.69
CA THR A 177 5.64 36.09 6.99
C THR A 177 4.14 36.33 7.20
N PRO A 178 3.79 37.33 8.02
CA PRO A 178 2.37 37.66 8.22
C PRO A 178 1.67 38.01 6.91
N GLU A 179 2.36 38.77 6.05
CA GLU A 179 1.81 39.18 4.77
C GLU A 179 1.45 37.97 3.91
N ALA A 180 2.36 37.01 3.82
CA ALA A 180 2.11 35.83 3.01
C ALA A 180 0.98 35.02 3.61
N ALA A 181 0.96 34.93 4.94
CA ALA A 181 -0.05 34.16 5.65
C ALA A 181 -1.44 34.72 5.38
N LYS A 182 -1.54 36.04 5.36
CA LYS A 182 -2.82 36.69 5.17
C LYS A 182 -3.40 36.36 3.79
N VAL A 183 -2.55 36.38 2.77
CA VAL A 183 -2.98 36.07 1.41
C VAL A 183 -3.44 34.62 1.32
N MET A 184 -2.66 33.72 1.92
CA MET A 184 -2.99 32.30 1.84
C MET A 184 -4.27 31.95 2.58
N LEU A 185 -4.46 32.55 3.77
CA LEU A 185 -5.65 32.27 4.56
C LEU A 185 -6.88 32.83 3.86
N THR A 186 -6.69 33.95 3.17
CA THR A 186 -7.77 34.55 2.41
C THR A 186 -8.18 33.66 1.23
N VAL A 187 -7.21 33.08 0.53
CA VAL A 187 -7.52 32.15 -0.56
C VAL A 187 -8.30 30.95 -0.03
N ILE A 188 -7.83 30.38 1.08
CA ILE A 188 -8.55 29.29 1.74
C ILE A 188 -9.99 29.72 2.04
N LYS A 189 -10.15 30.92 2.59
CA LYS A 189 -11.48 31.42 2.93
C LYS A 189 -12.37 31.50 1.69
N ASN A 190 -11.77 31.90 0.59
CA ASN A 190 -12.53 32.16 -0.62
C ASN A 190 -12.79 30.93 -1.48
N LYS A 191 -11.97 29.88 -1.32
CA LYS A 191 -12.06 28.70 -2.18
C LYS A 191 -12.56 27.44 -1.47
N ASN A 192 -12.01 27.15 -0.29
CA ASN A 192 -12.29 25.88 0.39
C ASN A 192 -11.78 25.85 1.82
N THR A 193 -12.66 26.05 2.79
CA THR A 193 -12.25 26.14 4.19
C THR A 193 -11.84 24.78 4.77
N ALA A 194 -11.98 23.71 4.00
CA ALA A 194 -11.48 22.41 4.46
C ALA A 194 -9.97 22.29 4.26
N VAL A 195 -9.40 23.18 3.46
CA VAL A 195 -7.96 23.19 3.22
C VAL A 195 -7.22 23.88 4.38
N GLY A 196 -6.18 23.22 4.88
CA GLY A 196 -5.45 23.74 6.03
C GLY A 196 -4.29 24.66 5.67
N PHE A 197 -3.78 25.32 6.71
CA PHE A 197 -2.71 26.28 6.55
C PHE A 197 -1.53 25.92 7.44
N LYS A 198 -0.32 26.04 6.92
CA LYS A 198 0.86 25.69 7.70
C LYS A 198 1.97 26.70 7.50
N PRO A 199 2.07 27.70 8.41
CA PRO A 199 3.24 28.56 8.36
C PRO A 199 4.45 27.75 8.82
N ALA A 200 5.59 27.93 8.17
CA ALA A 200 6.78 27.14 8.50
C ALA A 200 8.02 27.98 8.29
N GLY A 201 9.01 27.75 9.15
CA GLY A 201 10.27 28.48 9.06
C GLY A 201 10.24 29.80 9.80
N GLY A 202 11.17 29.98 10.73
CA GLY A 202 11.33 31.23 11.42
C GLY A 202 10.30 31.51 12.51
N VAL A 203 9.50 30.49 12.85
CA VAL A 203 8.57 30.60 13.98
C VAL A 203 9.30 30.10 15.23
N ARG A 204 9.86 31.02 16.01
N ARG A 204 9.87 31.05 15.98
CA ARG A 204 10.79 30.62 17.07
CA ARG A 204 10.78 30.74 17.08
C ARG A 204 10.26 30.78 18.50
C ARG A 204 10.09 30.56 18.42
N ASN A 205 9.11 31.42 18.68
CA ASN A 205 8.51 31.55 20.01
C ASN A 205 7.00 31.79 19.98
N ALA A 206 6.39 31.91 21.16
CA ALA A 206 4.95 32.11 21.26
C ALA A 206 4.49 33.42 20.61
N ASP A 207 5.34 34.45 20.68
CA ASP A 207 5.03 35.73 20.02
C ASP A 207 4.89 35.52 18.49
N ASP A 208 5.83 34.79 17.91
CA ASP A 208 5.76 34.48 16.49
C ASP A 208 4.48 33.70 16.19
N ALA A 209 4.17 32.71 17.03
CA ALA A 209 3.02 31.84 16.80
C ALA A 209 1.70 32.60 16.86
N ALA A 210 1.63 33.58 17.77
CA ALA A 210 0.42 34.37 17.95
C ALA A 210 0.01 35.11 16.67
N ILE A 211 1.01 35.61 15.95
CA ILE A 211 0.75 36.30 14.68
C ILE A 211 -0.09 35.45 13.73
N TYR A 212 0.30 34.19 13.54
CA TYR A 212 -0.39 33.34 12.57
C TYR A 212 -1.72 32.82 13.11
N LEU A 213 -1.80 32.55 14.41
CA LEU A 213 -3.06 32.11 15.01
C LEU A 213 -4.09 33.24 15.01
N ASP A 214 -3.65 34.47 15.28
CA ASP A 214 -4.55 35.61 15.24
C ASP A 214 -5.10 35.85 13.84
N LEU A 215 -4.25 35.69 12.82
CA LEU A 215 -4.70 35.84 11.44
C LEU A 215 -5.76 34.81 11.10
N ALA A 216 -5.51 33.55 11.45
CA ALA A 216 -6.46 32.49 11.17
C ALA A 216 -7.78 32.74 11.88
N ASP A 217 -7.70 33.12 13.15
CA ASP A 217 -8.88 33.40 13.96
C ASP A 217 -9.74 34.50 13.32
N ASN A 218 -9.08 35.57 12.88
CA ASN A 218 -9.79 36.74 12.35
C ASN A 218 -10.36 36.53 10.96
N ILE A 219 -9.71 35.68 10.17
CA ILE A 219 -10.13 35.49 8.78
C ILE A 219 -11.13 34.34 8.66
N LEU A 220 -10.88 33.26 9.38
CA LEU A 220 -11.68 32.04 9.24
C LEU A 220 -12.53 31.70 10.47
N GLY A 221 -12.37 32.44 11.56
CA GLY A 221 -13.14 32.18 12.78
C GLY A 221 -12.34 31.46 13.86
N ASN A 222 -12.76 31.65 15.12
CA ASN A 222 -12.06 31.10 16.29
C ASN A 222 -11.93 29.59 16.32
N GLU A 223 -12.96 28.90 15.82
CA GLU A 223 -12.98 27.45 15.89
C GLU A 223 -12.20 26.80 14.75
N TRP A 224 -11.76 27.61 13.78
CA TRP A 224 -11.22 27.03 12.55
C TRP A 224 -9.89 26.30 12.74
N ALA A 225 -8.94 26.92 13.43
CA ALA A 225 -7.57 26.39 13.48
C ALA A 225 -7.35 25.28 14.51
N ASP A 226 -7.89 24.09 14.24
CA ASP A 226 -7.49 22.89 14.97
C ASP A 226 -6.38 22.18 14.18
N ALA A 227 -6.00 20.99 14.63
CA ALA A 227 -4.88 20.26 14.03
C ALA A 227 -5.19 19.75 12.62
N ASN A 228 -6.47 19.67 12.28
CA ASN A 228 -6.87 19.33 10.91
C ASN A 228 -6.79 20.50 9.95
N HIS A 229 -6.64 21.72 10.47
CA HIS A 229 -6.65 22.91 9.61
C HIS A 229 -5.43 23.82 9.76
N PHE A 230 -4.60 23.58 10.78
CA PHE A 230 -3.50 24.48 11.07
C PHE A 230 -2.32 23.72 11.68
N ARG A 231 -1.13 23.92 11.13
CA ARG A 231 0.09 23.35 11.72
C ARG A 231 1.19 24.38 11.74
N PHE A 232 2.07 24.28 12.73
CA PHE A 232 3.32 25.05 12.72
C PHE A 232 4.46 24.15 12.28
N GLY A 233 5.13 24.51 11.19
CA GLY A 233 6.35 23.82 10.80
C GLY A 233 7.52 24.45 11.54
N ALA A 234 8.05 23.74 12.55
CA ALA A 234 9.02 24.35 13.45
C ALA A 234 9.80 23.30 14.24
N SER A 235 10.89 23.73 14.87
CA SER A 235 11.74 22.82 15.62
C SER A 235 12.02 23.35 17.02
N SER A 236 12.94 24.31 17.12
CA SER A 236 13.29 24.90 18.40
C SER A 236 12.10 25.59 19.09
N LEU A 237 11.03 25.85 18.34
CA LEU A 237 9.80 26.42 18.88
C LEU A 237 9.32 25.64 20.12
N LEU A 238 9.41 24.32 20.06
CA LEU A 238 8.91 23.48 21.13
C LEU A 238 9.54 23.84 22.49
N ILE A 239 10.86 23.92 22.52
CA ILE A 239 11.60 24.27 23.73
C ILE A 239 11.19 25.65 24.22
N SER A 240 10.95 26.57 23.29
CA SER A 240 10.55 27.92 23.66
C SER A 240 9.17 27.92 24.27
N LEU A 241 8.25 27.14 23.70
CA LEU A 241 6.89 27.08 24.21
C LEU A 241 6.83 26.43 25.60
N LEU A 242 7.59 25.35 25.77
CA LEU A 242 7.64 24.65 27.06
C LEU A 242 8.21 25.56 28.12
N ASP A 243 9.20 26.38 27.76
CA ASP A 243 9.76 27.32 28.72
C ASP A 243 8.70 28.36 29.11
N THR A 244 8.01 28.89 28.11
CA THR A 244 6.91 29.83 28.34
C THR A 244 5.85 29.21 29.27
N LEU A 245 5.60 27.91 29.11
CA LEU A 245 4.56 27.22 29.88
C LEU A 245 5.06 26.76 31.24
N GLY A 246 6.36 26.91 31.49
CA GLY A 246 6.93 26.61 32.79
C GLY A 246 7.26 25.15 32.94
N HIS A 247 7.42 24.45 31.83
CA HIS A 247 7.80 23.03 31.86
C HIS A 247 9.31 22.85 31.61
N LYS A 248 9.87 21.77 32.14
CA LYS A 248 11.29 21.45 31.93
C LYS A 248 11.49 20.39 30.85
N ASP B 3 44.87 -13.47 -20.38
CA ASP B 3 44.85 -12.10 -20.89
C ASP B 3 44.17 -11.15 -19.90
N ILE B 4 44.96 -10.29 -19.28
CA ILE B 4 44.47 -9.46 -18.20
C ILE B 4 43.52 -8.38 -18.72
N LYS B 5 43.67 -8.01 -19.99
CA LYS B 5 42.78 -7.03 -20.60
C LYS B 5 41.39 -7.62 -20.86
N ALA B 6 41.36 -8.88 -21.27
CA ALA B 6 40.10 -9.60 -21.44
C ALA B 6 39.37 -9.69 -20.09
N VAL B 7 40.13 -9.98 -19.04
CA VAL B 7 39.56 -10.00 -17.69
C VAL B 7 38.98 -8.64 -17.31
N ALA B 8 39.79 -7.59 -17.49
CA ALA B 8 39.37 -6.24 -17.13
C ALA B 8 38.09 -5.82 -17.87
N GLN B 9 38.05 -6.08 -19.18
CA GLN B 9 36.87 -5.78 -19.98
C GLN B 9 35.64 -6.54 -19.46
N ARG B 10 35.83 -7.82 -19.15
CA ARG B 10 34.73 -8.64 -18.67
C ARG B 10 34.25 -8.16 -17.28
N ALA B 11 35.17 -7.80 -16.40
CA ALA B 11 34.80 -7.38 -15.05
C ALA B 11 34.02 -6.06 -15.10
N LEU B 12 34.49 -5.14 -15.92
CA LEU B 12 33.84 -3.83 -16.06
C LEU B 12 32.37 -3.97 -16.42
N SER B 13 32.08 -4.88 -17.33
N SER B 13 32.07 -4.88 -17.34
CA SER B 13 30.72 -5.06 -17.82
CA SER B 13 30.71 -5.07 -17.82
C SER B 13 29.82 -5.72 -16.77
C SER B 13 29.82 -5.66 -16.72
N LEU B 14 30.42 -6.26 -15.71
CA LEU B 14 29.68 -6.92 -14.63
C LEU B 14 29.60 -6.06 -13.36
N MET B 15 30.10 -4.82 -13.43
CA MET B 15 30.14 -3.99 -12.24
C MET B 15 28.79 -3.38 -11.85
N ASP B 16 28.49 -3.46 -10.56
CA ASP B 16 27.55 -2.55 -9.90
C ASP B 16 28.36 -1.37 -9.36
N LEU B 17 28.46 -0.29 -10.13
CA LEU B 17 29.26 0.87 -9.73
C LEU B 17 28.62 1.53 -8.50
N THR B 18 29.31 1.47 -7.37
CA THR B 18 28.68 1.74 -6.09
C THR B 18 29.12 3.06 -5.47
N SER B 19 28.16 3.80 -4.94
CA SER B 19 28.43 4.93 -4.06
C SER B 19 27.43 4.90 -2.90
N LEU B 20 27.94 4.68 -1.70
CA LEU B 20 27.08 4.54 -0.52
C LEU B 20 27.64 5.30 0.69
N THR B 21 27.95 6.59 0.49
CA THR B 21 28.49 7.40 1.57
C THR B 21 27.37 7.92 2.48
N ASN B 22 26.16 7.97 1.91
CA ASN B 22 24.96 8.52 2.54
C ASN B 22 25.05 10.04 2.72
N THR B 23 26.03 10.68 2.10
CA THR B 23 26.08 12.14 2.08
C THR B 23 26.24 12.67 0.66
N GLU B 24 25.95 11.83 -0.34
CA GLU B 24 26.08 12.24 -1.73
C GLU B 24 25.19 13.45 -2.01
N THR B 25 25.66 14.34 -2.86
CA THR B 25 24.81 15.35 -3.45
C THR B 25 24.18 14.81 -4.73
N ASP B 26 23.14 15.48 -5.22
CA ASP B 26 22.54 15.08 -6.48
C ASP B 26 23.57 15.12 -7.61
N GLN B 27 24.47 16.12 -7.57
CA GLN B 27 25.48 16.22 -8.62
C GLN B 27 26.41 15.04 -8.59
N GLU B 28 26.73 14.54 -7.38
CA GLU B 28 27.61 13.39 -7.28
C GLU B 28 26.95 12.15 -7.85
N ILE B 29 25.63 12.05 -7.70
CA ILE B 29 24.89 10.95 -8.32
C ILE B 29 24.90 11.08 -9.85
N ILE B 30 24.67 12.29 -10.37
CA ILE B 30 24.74 12.50 -11.82
C ILE B 30 26.13 12.12 -12.33
N ASP B 31 27.14 12.56 -11.58
CA ASP B 31 28.54 12.28 -11.92
C ASP B 31 28.85 10.78 -11.89
N LEU B 32 28.23 10.05 -10.95
CA LEU B 32 28.41 8.61 -10.87
C LEU B 32 27.79 7.94 -12.10
N CYS B 33 26.61 8.39 -12.52
CA CYS B 33 25.95 7.83 -13.71
C CYS B 33 26.79 8.09 -14.94
N ARG B 34 27.42 9.27 -14.99
CA ARG B 34 28.29 9.61 -16.13
C ARG B 34 29.50 8.68 -16.13
N GLN B 35 30.02 8.39 -14.95
CA GLN B 35 31.19 7.54 -14.83
C GLN B 35 30.87 6.09 -15.26
N ALA B 36 29.64 5.66 -15.02
CA ALA B 36 29.21 4.32 -15.39
C ALA B 36 29.18 4.15 -16.91
N LYS B 37 28.99 5.27 -17.63
CA LYS B 37 29.10 5.25 -19.09
C LYS B 37 30.58 5.43 -19.45
N SER B 38 31.36 4.37 -19.29
CA SER B 38 32.82 4.46 -19.33
C SER B 38 33.37 4.38 -20.76
N PRO B 39 34.60 4.86 -20.97
CA PRO B 39 35.22 4.79 -22.30
C PRO B 39 35.36 3.37 -22.85
N ALA B 40 35.30 2.37 -21.97
CA ALA B 40 35.40 0.97 -22.39
C ALA B 40 34.04 0.27 -22.36
N GLY B 41 32.97 1.03 -22.23
CA GLY B 41 31.63 0.46 -22.17
C GLY B 41 30.92 0.74 -20.85
N GLU B 42 29.66 0.35 -20.79
CA GLU B 42 28.82 0.59 -19.64
C GLU B 42 29.00 -0.50 -18.58
N THR B 43 28.94 -0.09 -17.31
CA THR B 43 28.86 -1.04 -16.23
C THR B 43 27.48 -1.69 -16.31
N ALA B 44 27.26 -2.79 -15.59
CA ALA B 44 25.95 -3.42 -15.57
C ALA B 44 24.94 -2.56 -14.83
N ALA B 45 25.41 -1.90 -13.78
CA ALA B 45 24.50 -1.18 -12.90
C ALA B 45 25.23 -0.12 -12.08
N ILE B 46 24.45 0.71 -11.38
CA ILE B 46 24.97 1.50 -10.28
C ILE B 46 24.30 1.00 -8.99
N CYS B 47 24.88 1.33 -7.84
CA CYS B 47 24.28 0.97 -6.57
C CYS B 47 24.39 2.15 -5.63
N ILE B 48 23.24 2.69 -5.23
CA ILE B 48 23.14 3.95 -4.49
C ILE B 48 22.02 3.88 -3.48
N PHE B 49 21.97 4.82 -2.54
CA PHE B 49 20.89 4.85 -1.57
C PHE B 49 19.57 5.22 -2.25
N PRO B 50 18.45 4.68 -1.74
CA PRO B 50 17.13 4.79 -2.39
C PRO B 50 16.72 6.19 -2.84
N ARG B 51 16.97 7.21 -2.01
CA ARG B 51 16.47 8.55 -2.31
C ARG B 51 17.10 9.14 -3.57
N PHE B 52 18.20 8.56 -4.02
CA PHE B 52 18.93 9.07 -5.18
C PHE B 52 18.47 8.44 -6.50
N ILE B 53 17.57 7.47 -6.41
CA ILE B 53 17.14 6.73 -7.60
C ILE B 53 16.44 7.61 -8.67
N PRO B 54 15.48 8.49 -8.29
CA PRO B 54 14.86 9.28 -9.36
C PRO B 54 15.85 10.16 -10.12
N VAL B 55 16.77 10.83 -9.42
CA VAL B 55 17.80 11.63 -10.09
C VAL B 55 18.69 10.75 -10.98
N ALA B 56 19.07 9.58 -10.47
CA ALA B 56 19.93 8.68 -11.26
C ALA B 56 19.23 8.16 -12.51
N LYS B 57 17.96 7.78 -12.36
CA LYS B 57 17.18 7.27 -13.48
C LYS B 57 17.10 8.31 -14.57
N LYS B 58 16.94 9.57 -14.15
CA LYS B 58 16.86 10.68 -15.08
C LYS B 58 18.17 10.91 -15.83
N ALA B 59 19.29 10.88 -15.10
CA ALA B 59 20.59 11.10 -15.72
C ALA B 59 20.96 9.97 -16.67
N LEU B 60 20.72 8.74 -16.26
CA LEU B 60 21.03 7.58 -17.10
C LEU B 60 20.23 7.64 -18.39
N LYS B 61 18.98 8.10 -18.30
CA LYS B 61 18.15 8.24 -19.48
C LYS B 61 18.65 9.37 -20.41
N ALA B 62 19.05 10.49 -19.81
CA ALA B 62 19.51 11.65 -20.58
C ALA B 62 20.76 11.35 -21.41
N GLN B 63 21.62 10.49 -20.89
CA GLN B 63 22.87 10.15 -21.56
C GLN B 63 22.71 8.88 -22.42
N GLN B 64 21.45 8.48 -22.62
N GLN B 64 21.45 8.48 -22.61
CA GLN B 64 21.12 7.34 -23.48
CA GLN B 64 21.10 7.34 -23.45
C GLN B 64 21.72 6.01 -23.00
C GLN B 64 21.72 6.02 -22.99
N THR B 65 21.78 5.82 -21.68
CA THR B 65 22.18 4.51 -21.15
C THR B 65 21.13 4.02 -20.15
N PRO B 66 19.88 3.84 -20.60
CA PRO B 66 18.86 3.41 -19.64
C PRO B 66 19.01 1.94 -19.25
N HIS B 67 19.83 1.21 -20.01
N HIS B 67 19.83 1.20 -20.01
CA HIS B 67 20.09 -0.20 -19.78
CA HIS B 67 20.04 -0.22 -19.74
C HIS B 67 21.00 -0.43 -18.56
C HIS B 67 21.05 -0.45 -18.60
N ILE B 68 21.61 0.63 -18.06
CA ILE B 68 22.40 0.53 -16.83
C ILE B 68 21.40 0.47 -15.67
N LYS B 69 21.37 -0.66 -14.97
CA LYS B 69 20.35 -0.87 -13.92
C LYS B 69 20.64 -0.02 -12.69
N ILE B 70 19.59 0.31 -11.95
CA ILE B 70 19.76 1.02 -10.69
C ILE B 70 19.48 0.07 -9.54
N ALA B 71 20.55 -0.30 -8.85
CA ALA B 71 20.45 -1.12 -7.66
C ALA B 71 20.49 -0.19 -6.44
N THR B 72 19.90 -0.63 -5.35
CA THR B 72 19.93 0.14 -4.13
C THR B 72 20.02 -0.86 -2.97
N VAL B 73 20.02 -0.36 -1.73
CA VAL B 73 20.18 -1.22 -0.56
C VAL B 73 19.07 -0.96 0.47
N THR B 74 18.67 -2.00 1.19
CA THR B 74 17.70 -1.88 2.27
C THR B 74 18.15 -2.73 3.47
N ASN B 75 17.61 -2.40 4.65
CA ASN B 75 18.04 -3.00 5.91
C ASN B 75 19.55 -2.86 6.09
N PHE B 76 20.06 -1.71 5.65
CA PHE B 76 21.47 -1.50 5.39
C PHE B 76 22.05 -0.39 6.27
N PRO B 77 23.26 -0.60 6.84
CA PRO B 77 24.11 -1.79 6.67
C PRO B 77 23.95 -2.85 7.73
N GLN B 78 23.17 -2.57 8.78
CA GLN B 78 23.21 -3.37 9.99
C GLN B 78 22.67 -4.79 9.87
N GLY B 79 21.71 -5.01 8.97
CA GLY B 79 21.07 -6.31 8.91
C GLY B 79 20.30 -6.66 10.17
N ASN B 80 19.52 -5.70 10.68
CA ASN B 80 18.66 -5.94 11.84
C ASN B 80 17.57 -6.97 11.55
N ASP B 81 16.98 -7.51 12.61
CA ASP B 81 15.95 -8.54 12.44
C ASP B 81 14.52 -8.02 12.49
N ASP B 82 14.32 -6.75 12.16
CA ASP B 82 12.97 -6.18 12.16
C ASP B 82 12.36 -6.28 10.76
N LEU B 83 11.44 -7.23 10.60
CA LEU B 83 10.81 -7.50 9.30
C LEU B 83 10.01 -6.30 8.78
N ASP B 84 9.27 -5.63 9.66
CA ASP B 84 8.44 -4.49 9.24
C ASP B 84 9.28 -3.36 8.63
N ILE B 85 10.46 -3.13 9.20
CA ILE B 85 11.31 -2.04 8.73
C ILE B 85 11.95 -2.39 7.39
N ALA B 86 12.47 -3.61 7.29
CA ALA B 86 13.09 -4.06 6.05
C ALA B 86 12.08 -4.05 4.90
N LEU B 87 10.86 -4.51 5.17
CA LEU B 87 9.82 -4.52 4.15
C LEU B 87 9.41 -3.10 3.74
N ALA B 88 9.29 -2.18 4.71
CA ALA B 88 8.94 -0.80 4.41
C ALA B 88 9.98 -0.15 3.50
N GLU B 89 11.25 -0.38 3.82
CA GLU B 89 12.34 0.18 3.02
C GLU B 89 12.35 -0.42 1.62
N THR B 90 12.10 -1.72 1.54
CA THR B 90 12.10 -2.38 0.24
C THR B 90 10.91 -1.91 -0.60
N ARG B 91 9.75 -1.74 0.04
CA ARG B 91 8.59 -1.17 -0.66
C ARG B 91 8.90 0.23 -1.19
N ALA B 92 9.63 1.01 -0.41
CA ALA B 92 9.96 2.38 -0.81
C ALA B 92 10.97 2.38 -1.93
N ALA B 93 11.99 1.52 -1.82
CA ALA B 93 12.99 1.35 -2.88
C ALA B 93 12.32 1.02 -4.22
N VAL B 94 11.36 0.10 -4.20
CA VAL B 94 10.61 -0.23 -5.41
C VAL B 94 9.83 0.97 -5.94
N ALA B 95 9.15 1.69 -5.03
CA ALA B 95 8.36 2.86 -5.40
C ALA B 95 9.23 3.99 -5.96
N TYR B 96 10.45 4.14 -5.44
CA TYR B 96 11.42 5.08 -5.99
C TYR B 96 11.77 4.78 -7.46
N GLY B 97 11.70 3.51 -7.83
CA GLY B 97 12.01 3.09 -9.21
C GLY B 97 13.19 2.15 -9.32
N ALA B 98 13.61 1.53 -8.22
CA ALA B 98 14.77 0.63 -8.23
C ALA B 98 14.55 -0.53 -9.20
N ASP B 99 15.63 -0.95 -9.88
CA ASP B 99 15.60 -2.14 -10.73
C ASP B 99 15.97 -3.35 -9.90
N GLU B 100 16.80 -3.12 -8.89
CA GLU B 100 17.31 -4.18 -8.03
C GLU B 100 17.44 -3.67 -6.60
N VAL B 101 17.09 -4.51 -5.65
CA VAL B 101 17.22 -4.14 -4.24
C VAL B 101 18.17 -5.12 -3.54
N ASP B 102 19.25 -4.58 -2.99
CA ASP B 102 20.22 -5.40 -2.28
C ASP B 102 19.90 -5.35 -0.79
N LEU B 103 19.22 -6.39 -0.32
CA LEU B 103 18.73 -6.45 1.05
C LEU B 103 19.75 -7.10 1.98
N VAL B 104 20.02 -6.50 3.13
CA VAL B 104 20.90 -7.15 4.10
C VAL B 104 20.15 -8.17 4.95
N PHE B 105 20.63 -9.41 4.87
CA PHE B 105 20.13 -10.54 5.65
C PHE B 105 20.35 -10.30 7.15
N PRO B 106 19.41 -10.75 7.99
CA PRO B 106 19.61 -10.66 9.45
C PRO B 106 20.63 -11.70 9.93
N TYR B 107 21.91 -11.45 9.65
CA TYR B 107 22.94 -12.45 9.91
C TYR B 107 23.21 -12.65 11.39
N ARG B 108 23.13 -11.59 12.19
CA ARG B 108 23.36 -11.75 13.65
C ARG B 108 22.31 -12.68 14.25
N ALA B 109 21.07 -12.57 13.80
CA ALA B 109 20.01 -13.46 14.26
C ALA B 109 20.34 -14.90 13.91
N LEU B 110 20.84 -15.12 12.68
CA LEU B 110 21.27 -16.45 12.25
C LEU B 110 22.38 -16.98 13.15
N ILE B 111 23.36 -16.14 13.46
CA ILE B 111 24.48 -16.54 14.31
C ILE B 111 23.98 -16.98 15.69
N GLN B 112 22.91 -16.32 16.16
CA GLN B 112 22.31 -16.70 17.44
C GLN B 112 21.38 -17.90 17.30
N GLY B 113 21.29 -18.44 16.10
CA GLY B 113 20.55 -19.67 15.90
C GLY B 113 19.15 -19.51 15.33
N ASN B 114 18.78 -18.28 14.98
CA ASN B 114 17.47 -18.03 14.38
C ASN B 114 17.56 -18.05 12.86
N GLU B 115 17.07 -19.12 12.26
CA GLU B 115 17.09 -19.28 10.81
C GLU B 115 15.78 -18.80 10.20
N THR B 116 14.78 -18.61 11.06
CA THR B 116 13.41 -18.31 10.62
C THR B 116 13.21 -16.86 10.17
N ILE B 117 13.77 -15.91 10.91
CA ILE B 117 13.59 -14.50 10.59
C ILE B 117 14.25 -14.16 9.25
N GLY B 118 15.35 -14.85 8.95
CA GLY B 118 16.04 -14.66 7.68
C GLY B 118 15.18 -15.08 6.50
N PHE B 119 14.58 -16.26 6.58
CA PHE B 119 13.66 -16.74 5.55
C PHE B 119 12.51 -15.75 5.38
N ASP B 120 11.86 -15.41 6.49
CA ASP B 120 10.68 -14.53 6.46
C ASP B 120 10.99 -13.18 5.84
N MET B 121 12.12 -12.60 6.25
CA MET B 121 12.47 -11.28 5.77
C MET B 121 12.76 -11.28 4.27
N VAL B 122 13.56 -12.24 3.82
CA VAL B 122 13.88 -12.33 2.40
C VAL B 122 12.60 -12.56 1.60
N LYS B 123 11.72 -13.43 2.09
CA LYS B 123 10.49 -13.75 1.36
C LYS B 123 9.56 -12.54 1.15
N VAL B 124 9.26 -11.78 2.21
CA VAL B 124 8.32 -10.68 2.07
C VAL B 124 8.92 -9.56 1.23
N CYS B 125 10.24 -9.38 1.29
CA CYS B 125 10.90 -8.37 0.49
C CYS B 125 10.92 -8.81 -0.98
N LYS B 126 11.06 -10.11 -1.22
CA LYS B 126 11.01 -10.64 -2.59
C LYS B 126 9.62 -10.37 -3.18
N GLN B 127 8.59 -10.69 -2.41
N GLN B 127 8.60 -10.68 -2.39
CA GLN B 127 7.22 -10.41 -2.82
CA GLN B 127 7.21 -10.42 -2.78
C GLN B 127 7.00 -8.92 -3.11
C GLN B 127 7.00 -8.93 -3.09
N ALA B 128 7.65 -8.05 -2.34
CA ALA B 128 7.50 -6.60 -2.55
C ALA B 128 8.15 -6.16 -3.87
N CYS B 129 9.13 -6.92 -4.34
CA CYS B 129 9.82 -6.63 -5.60
C CYS B 129 9.10 -7.19 -6.84
N SER B 130 8.11 -8.04 -6.62
CA SER B 130 7.43 -8.75 -7.70
C SER B 130 7.04 -7.85 -8.86
N GLY B 131 7.48 -8.22 -10.05
CA GLY B 131 7.14 -7.50 -11.26
C GLY B 131 7.84 -6.16 -11.47
N ASN B 132 8.77 -5.80 -10.58
CA ASN B 132 9.45 -4.51 -10.69
C ASN B 132 10.96 -4.61 -10.53
N ALA B 133 11.40 -5.48 -9.63
CA ALA B 133 12.81 -5.49 -9.27
C ALA B 133 13.32 -6.87 -8.95
N LYS B 134 14.63 -7.06 -9.10
CA LYS B 134 15.29 -8.25 -8.59
C LYS B 134 15.76 -8.02 -7.15
N LEU B 135 15.78 -9.09 -6.35
CA LEU B 135 16.25 -8.97 -4.97
C LEU B 135 17.60 -9.65 -4.80
N LYS B 136 18.63 -8.88 -4.45
CA LYS B 136 19.90 -9.49 -4.04
C LYS B 136 19.87 -9.58 -2.53
N VAL B 137 20.47 -10.63 -1.97
CA VAL B 137 20.54 -10.75 -0.51
C VAL B 137 21.99 -10.77 -0.01
N ILE B 138 22.32 -9.77 0.81
CA ILE B 138 23.65 -9.64 1.42
C ILE B 138 23.71 -10.44 2.71
N ILE B 139 24.55 -11.48 2.77
CA ILE B 139 24.57 -12.32 3.97
C ILE B 139 25.70 -11.94 4.93
N GLU B 140 26.57 -11.04 4.48
CA GLU B 140 27.69 -10.51 5.26
C GLU B 140 28.63 -11.62 5.71
N THR B 141 29.30 -12.24 4.75
CA THR B 141 30.17 -13.39 5.01
C THR B 141 31.32 -13.11 5.98
N GLY B 142 31.76 -11.86 6.03
CA GLY B 142 32.83 -11.47 6.92
C GLY B 142 32.44 -11.54 8.39
N GLU B 143 31.14 -11.51 8.65
CA GLU B 143 30.63 -11.61 10.01
C GLU B 143 30.15 -13.02 10.32
N LEU B 144 29.68 -13.74 9.30
CA LEU B 144 29.32 -15.15 9.49
C LEU B 144 30.56 -16.00 9.70
N LYS B 145 31.66 -15.59 9.06
CA LYS B 145 32.97 -16.23 9.23
C LYS B 145 33.01 -17.70 8.82
N SER B 146 32.31 -18.56 9.54
CA SER B 146 32.43 -20.00 9.32
C SER B 146 31.82 -20.43 8.01
N GLU B 147 32.33 -21.52 7.45
CA GLU B 147 31.82 -22.09 6.21
C GLU B 147 30.37 -22.53 6.38
N GLU B 148 30.08 -23.14 7.52
CA GLU B 148 28.74 -23.63 7.82
C GLU B 148 27.70 -22.50 7.80
N LEU B 149 28.02 -21.37 8.44
CA LEU B 149 27.10 -20.24 8.49
C LEU B 149 26.93 -19.58 7.11
N ILE B 150 28.03 -19.48 6.38
CA ILE B 150 27.99 -18.85 5.06
C ILE B 150 27.14 -19.69 4.12
N ARG B 151 27.34 -21.00 4.14
CA ARG B 151 26.51 -21.93 3.38
C ARG B 151 25.04 -21.83 3.81
N LYS B 152 24.79 -21.88 5.11
CA LYS B 152 23.45 -21.85 5.65
C LYS B 152 22.67 -20.58 5.27
N ALA B 153 23.28 -19.41 5.44
CA ALA B 153 22.63 -18.16 5.03
C ALA B 153 22.33 -18.19 3.54
N SER B 154 23.28 -18.68 2.75
CA SER B 154 23.10 -18.79 1.30
C SER B 154 21.88 -19.64 0.96
N GLU B 155 21.75 -20.77 1.66
CA GLU B 155 20.66 -21.71 1.39
C GLU B 155 19.30 -21.11 1.75
N ILE B 156 19.22 -20.48 2.92
CA ILE B 156 18.00 -19.84 3.37
C ILE B 156 17.56 -18.75 2.39
N ALA B 157 18.51 -17.92 1.99
CA ALA B 157 18.21 -16.80 1.10
C ALA B 157 17.67 -17.29 -0.25
N ILE B 158 18.26 -18.36 -0.77
CA ILE B 158 17.79 -18.94 -2.02
C ILE B 158 16.41 -19.59 -1.85
N ASN B 159 16.24 -20.39 -0.80
CA ASN B 159 14.91 -20.95 -0.49
C ASN B 159 13.82 -19.89 -0.39
N ALA B 160 14.16 -18.72 0.14
CA ALA B 160 13.17 -17.66 0.34
C ALA B 160 12.95 -16.80 -0.91
N GLY B 161 13.73 -17.05 -1.96
CA GLY B 161 13.47 -16.44 -3.25
C GLY B 161 14.45 -15.41 -3.79
N ALA B 162 15.62 -15.29 -3.16
CA ALA B 162 16.66 -14.37 -3.61
C ALA B 162 17.02 -14.57 -5.08
N ASP B 163 17.22 -13.48 -5.80
CA ASP B 163 17.64 -13.54 -7.20
C ASP B 163 19.16 -13.57 -7.28
N PHE B 164 19.78 -12.92 -6.29
CA PHE B 164 21.25 -12.92 -6.13
C PHE B 164 21.59 -13.18 -4.65
N ILE B 165 22.73 -13.82 -4.40
CA ILE B 165 23.31 -13.75 -3.07
C ILE B 165 24.62 -12.95 -3.17
N LYS B 166 24.78 -12.03 -2.23
CA LYS B 166 25.88 -11.06 -2.24
C LYS B 166 26.71 -11.27 -0.97
N THR B 167 28.04 -11.15 -1.06
CA THR B 167 28.86 -11.47 0.10
C THR B 167 28.78 -10.46 1.23
N SER B 168 28.77 -9.17 0.91
CA SER B 168 29.09 -8.17 1.94
C SER B 168 28.43 -6.81 1.74
N THR B 169 28.39 -6.02 2.81
CA THR B 169 27.94 -4.63 2.75
C THR B 169 29.05 -3.68 2.32
N GLY B 170 30.30 -4.08 2.57
CA GLY B 170 31.43 -3.18 2.35
C GLY B 170 31.73 -2.32 3.58
N LYS B 171 30.91 -2.46 4.62
CA LYS B 171 30.97 -1.55 5.77
C LYS B 171 31.52 -2.21 7.03
N VAL B 172 32.02 -3.42 6.90
CA VAL B 172 32.57 -4.12 8.05
C VAL B 172 34.05 -4.42 7.81
N ALA B 173 34.69 -5.09 8.76
CA ALA B 173 36.12 -5.34 8.71
C ALA B 173 36.52 -6.22 7.52
N ILE B 174 35.85 -7.36 7.39
CA ILE B 174 36.13 -8.31 6.32
C ILE B 174 34.93 -8.41 5.39
N ASN B 175 35.18 -8.25 4.10
CA ASN B 175 34.12 -8.33 3.12
C ASN B 175 34.34 -9.52 2.18
N ALA B 176 34.31 -9.31 0.87
CA ALA B 176 34.44 -10.44 -0.05
C ALA B 176 35.78 -11.15 0.12
N THR B 177 35.74 -12.48 0.22
CA THR B 177 36.93 -13.30 0.21
C THR B 177 36.74 -14.47 -0.76
N PRO B 178 37.84 -14.98 -1.34
CA PRO B 178 37.76 -16.15 -2.21
C PRO B 178 37.11 -17.35 -1.53
N GLU B 179 37.42 -17.57 -0.25
CA GLU B 179 36.87 -18.68 0.52
C GLU B 179 35.36 -18.58 0.65
N ALA B 180 34.87 -17.39 0.99
CA ALA B 180 33.44 -17.16 1.08
C ALA B 180 32.78 -17.35 -0.29
N ALA B 181 33.43 -16.83 -1.33
CA ALA B 181 32.88 -16.91 -2.69
C ALA B 181 32.72 -18.36 -3.15
N LYS B 182 33.69 -19.20 -2.83
CA LYS B 182 33.64 -20.60 -3.25
C LYS B 182 32.48 -21.33 -2.59
N VAL B 183 32.24 -21.02 -1.33
CA VAL B 183 31.12 -21.60 -0.61
C VAL B 183 29.78 -21.20 -1.23
N MET B 184 29.61 -19.91 -1.51
CA MET B 184 28.35 -19.39 -2.04
C MET B 184 28.09 -19.88 -3.48
N LEU B 185 29.13 -19.87 -4.31
CA LEU B 185 29.00 -20.36 -5.68
C LEU B 185 28.66 -21.83 -5.70
N THR B 186 29.17 -22.57 -4.72
CA THR B 186 28.89 -23.99 -4.61
C THR B 186 27.43 -24.24 -4.19
N VAL B 187 26.93 -23.40 -3.29
CA VAL B 187 25.53 -23.49 -2.90
C VAL B 187 24.62 -23.22 -4.12
N ILE B 188 24.97 -22.19 -4.89
CA ILE B 188 24.23 -21.87 -6.10
C ILE B 188 24.18 -23.08 -7.05
N LYS B 189 25.32 -23.73 -7.24
CA LYS B 189 25.40 -24.87 -8.14
C LYS B 189 24.48 -26.00 -7.70
N ASN B 190 24.42 -26.23 -6.39
CA ASN B 190 23.66 -27.32 -5.82
C ASN B 190 22.16 -27.07 -5.69
N LYS B 191 21.76 -25.80 -5.67
CA LYS B 191 20.35 -25.45 -5.43
C LYS B 191 19.65 -24.86 -6.66
N ASN B 192 20.27 -23.87 -7.28
CA ASN B 192 19.64 -23.13 -8.36
C ASN B 192 20.63 -22.25 -9.12
N THR B 193 21.00 -22.72 -10.30
CA THR B 193 21.96 -22.02 -11.14
C THR B 193 21.39 -20.73 -11.73
N ALA B 194 20.10 -20.50 -11.50
CA ALA B 194 19.47 -19.25 -11.95
C ALA B 194 19.77 -18.11 -10.99
N VAL B 195 20.20 -18.43 -9.78
CA VAL B 195 20.53 -17.44 -8.77
C VAL B 195 21.91 -16.83 -9.02
N GLY B 196 21.99 -15.51 -9.02
CA GLY B 196 23.26 -14.83 -9.26
C GLY B 196 24.15 -14.66 -8.03
N PHE B 197 25.42 -14.38 -8.30
CA PHE B 197 26.41 -14.19 -7.24
C PHE B 197 27.05 -12.81 -7.33
N LYS B 198 27.15 -12.11 -6.19
CA LYS B 198 27.76 -10.79 -6.17
C LYS B 198 28.77 -10.61 -5.04
N PRO B 199 30.07 -10.74 -5.37
CA PRO B 199 31.13 -10.38 -4.42
C PRO B 199 31.23 -8.85 -4.30
N ALA B 200 31.28 -8.33 -3.08
CA ALA B 200 31.38 -6.89 -2.88
C ALA B 200 32.43 -6.53 -1.85
N GLY B 201 33.18 -5.46 -2.11
CA GLY B 201 34.23 -5.01 -1.20
C GLY B 201 35.49 -5.84 -1.33
N GLY B 202 36.63 -5.19 -1.51
CA GLY B 202 37.88 -5.90 -1.65
C GLY B 202 38.26 -6.30 -3.07
N VAL B 203 37.51 -5.83 -4.05
CA VAL B 203 37.86 -6.07 -5.45
C VAL B 203 38.34 -4.76 -6.07
N ARG B 204 39.64 -4.61 -6.20
CA ARG B 204 40.20 -3.29 -6.50
C ARG B 204 40.90 -3.22 -7.85
N ASN B 205 41.27 -4.37 -8.38
CA ASN B 205 41.91 -4.43 -9.68
C ASN B 205 41.52 -5.67 -10.46
N ALA B 206 41.99 -5.77 -11.70
CA ALA B 206 41.65 -6.90 -12.56
C ALA B 206 42.12 -8.23 -11.97
N ASP B 207 43.23 -8.22 -11.23
CA ASP B 207 43.75 -9.43 -10.60
C ASP B 207 42.77 -9.98 -9.57
N ASP B 208 42.19 -9.08 -8.76
CA ASP B 208 41.18 -9.48 -7.80
C ASP B 208 39.93 -10.00 -8.50
N ALA B 209 39.54 -9.31 -9.57
CA ALA B 209 38.35 -9.68 -10.32
C ALA B 209 38.50 -11.09 -10.89
N ALA B 210 39.68 -11.40 -11.42
CA ALA B 210 39.95 -12.68 -12.04
C ALA B 210 39.79 -13.86 -11.06
N ILE B 211 40.13 -13.62 -9.79
CA ILE B 211 40.01 -14.66 -8.77
C ILE B 211 38.57 -15.13 -8.64
N TYR B 212 37.64 -14.17 -8.60
CA TYR B 212 36.23 -14.50 -8.43
C TYR B 212 35.61 -15.00 -9.74
N LEU B 213 36.03 -14.44 -10.87
CA LEU B 213 35.56 -14.93 -12.17
C LEU B 213 36.04 -16.36 -12.42
N ASP B 214 37.24 -16.68 -11.96
CA ASP B 214 37.78 -18.02 -12.17
C ASP B 214 37.06 -19.05 -11.31
N LEU B 215 36.64 -18.63 -10.12
CA LEU B 215 35.84 -19.49 -9.26
C LEU B 215 34.51 -19.80 -9.92
N ALA B 216 33.83 -18.75 -10.39
CA ALA B 216 32.55 -18.92 -11.06
C ALA B 216 32.67 -19.81 -12.30
N ASP B 217 33.71 -19.58 -13.10
CA ASP B 217 33.91 -20.37 -14.30
C ASP B 217 34.21 -21.84 -13.98
N ASN B 218 34.99 -22.08 -12.93
CA ASN B 218 35.39 -23.45 -12.61
C ASN B 218 34.28 -24.23 -11.91
N ILE B 219 33.43 -23.53 -11.16
CA ILE B 219 32.37 -24.20 -10.42
C ILE B 219 31.10 -24.35 -11.25
N LEU B 220 30.76 -23.31 -12.01
CA LEU B 220 29.48 -23.29 -12.73
C LEU B 220 29.61 -23.35 -14.25
N GLY B 221 30.84 -23.32 -14.76
CA GLY B 221 31.07 -23.34 -16.20
C GLY B 221 31.47 -21.98 -16.73
N ASN B 222 32.16 -21.97 -17.87
CA ASN B 222 32.72 -20.75 -18.45
C ASN B 222 31.68 -19.73 -18.92
N GLU B 223 30.47 -20.18 -19.20
CA GLU B 223 29.46 -19.33 -19.79
C GLU B 223 28.42 -18.84 -18.78
N TRP B 224 28.53 -19.30 -17.53
CA TRP B 224 27.52 -18.97 -16.52
C TRP B 224 27.53 -17.50 -16.09
N ALA B 225 28.70 -16.92 -15.90
CA ALA B 225 28.76 -15.60 -15.29
C ALA B 225 28.55 -14.44 -16.26
N ASP B 226 27.32 -14.25 -16.71
CA ASP B 226 26.93 -13.03 -17.41
C ASP B 226 26.33 -12.03 -16.41
N ALA B 227 25.82 -10.92 -16.93
CA ALA B 227 25.33 -9.84 -16.08
C ALA B 227 24.07 -10.25 -15.30
N ASN B 228 23.38 -11.28 -15.77
CA ASN B 228 22.22 -11.80 -15.07
C ASN B 228 22.59 -12.73 -13.91
N HIS B 229 23.86 -13.15 -13.84
CA HIS B 229 24.28 -14.12 -12.83
C HIS B 229 25.49 -13.69 -12.00
N PHE B 230 26.13 -12.58 -12.37
CA PHE B 230 27.38 -12.19 -11.72
C PHE B 230 27.54 -10.67 -11.74
N ARG B 231 27.78 -10.09 -10.56
CA ARG B 231 28.07 -8.66 -10.47
C ARG B 231 29.24 -8.40 -9.52
N PHE B 232 30.03 -7.37 -9.79
CA PHE B 232 31.01 -6.90 -8.80
C PHE B 232 30.46 -5.69 -8.07
N GLY B 233 30.37 -5.77 -6.75
CA GLY B 233 30.03 -4.62 -5.94
C GLY B 233 31.31 -3.86 -5.65
N ALA B 234 31.50 -2.73 -6.31
CA ALA B 234 32.79 -2.05 -6.24
C ALA B 234 32.69 -0.59 -6.67
N SER B 235 33.77 0.14 -6.49
CA SER B 235 33.80 1.54 -6.90
C SER B 235 35.14 1.87 -7.58
N SER B 236 36.21 1.98 -6.79
CA SER B 236 37.53 2.30 -7.31
C SER B 236 38.01 1.30 -8.37
N LEU B 237 37.40 0.12 -8.37
CA LEU B 237 37.71 -0.91 -9.36
C LEU B 237 37.62 -0.38 -10.78
N LEU B 238 36.64 0.48 -11.04
CA LEU B 238 36.42 0.97 -12.40
C LEU B 238 37.62 1.75 -12.95
N ILE B 239 38.22 2.60 -12.13
CA ILE B 239 39.38 3.36 -12.58
C ILE B 239 40.56 2.42 -12.87
N SER B 240 40.76 1.46 -11.97
CA SER B 240 41.81 0.46 -12.14
C SER B 240 41.61 -0.37 -13.42
N LEU B 241 40.38 -0.75 -13.70
CA LEU B 241 40.07 -1.54 -14.88
C LEU B 241 40.30 -0.73 -16.14
N LEU B 242 39.86 0.53 -16.12
CA LEU B 242 40.05 1.43 -17.26
C LEU B 242 41.53 1.68 -17.52
N ASP B 243 42.30 1.81 -16.44
CA ASP B 243 43.75 1.96 -16.56
C ASP B 243 44.35 0.74 -17.25
N THR B 244 43.94 -0.45 -16.80
CA THR B 244 44.40 -1.70 -17.41
C THR B 244 44.05 -1.77 -18.88
N LEU B 245 42.89 -1.23 -19.25
CA LEU B 245 42.43 -1.26 -20.64
C LEU B 245 43.02 -0.13 -21.47
N GLY B 246 43.88 0.69 -20.87
CA GLY B 246 44.60 1.71 -21.60
C GLY B 246 43.99 3.10 -21.57
N HIS B 247 42.97 3.28 -20.72
CA HIS B 247 42.33 4.58 -20.54
C HIS B 247 42.81 5.25 -19.25
N LYS B 248 43.93 5.97 -19.34
CA LYS B 248 44.50 6.62 -18.15
C LYS B 248 43.84 7.97 -17.89
N SER C 2 -26.92 -16.71 -42.45
CA SER C 2 -25.67 -17.04 -41.77
C SER C 2 -25.72 -18.44 -41.17
N ASP C 3 -24.61 -18.86 -40.59
CA ASP C 3 -24.54 -20.15 -39.90
C ASP C 3 -24.67 -19.89 -38.40
N ILE C 4 -25.86 -20.18 -37.85
CA ILE C 4 -26.15 -19.78 -36.48
C ILE C 4 -25.39 -20.62 -35.47
N LYS C 5 -25.10 -21.88 -35.80
CA LYS C 5 -24.31 -22.74 -34.93
C LYS C 5 -22.88 -22.21 -34.81
N ALA C 6 -22.33 -21.73 -35.93
CA ALA C 6 -20.97 -21.20 -35.93
C ALA C 6 -20.90 -19.94 -35.09
N VAL C 7 -21.94 -19.12 -35.20
CA VAL C 7 -22.04 -17.92 -34.37
C VAL C 7 -22.13 -18.31 -32.88
N ALA C 8 -22.90 -19.34 -32.58
CA ALA C 8 -23.04 -19.79 -31.19
C ALA C 8 -21.71 -20.22 -30.60
N GLN C 9 -20.96 -21.03 -31.35
CA GLN C 9 -19.65 -21.50 -30.95
C GLN C 9 -18.69 -20.34 -30.71
N ARG C 10 -18.68 -19.40 -31.66
CA ARG C 10 -17.85 -18.20 -31.57
C ARG C 10 -18.18 -17.39 -30.32
N ALA C 11 -19.48 -17.18 -30.07
CA ALA C 11 -19.89 -16.36 -28.93
C ALA C 11 -19.49 -16.98 -27.59
N LEU C 12 -19.63 -18.30 -27.48
CA LEU C 12 -19.37 -19.01 -26.23
C LEU C 12 -17.95 -18.75 -25.73
N SER C 13 -16.98 -18.77 -26.65
CA SER C 13 -15.58 -18.58 -26.29
C SER C 13 -15.26 -17.16 -25.88
N LEU C 14 -16.17 -16.24 -26.20
CA LEU C 14 -16.00 -14.84 -25.81
C LEU C 14 -16.80 -14.48 -24.54
N MET C 15 -17.41 -15.47 -23.91
CA MET C 15 -18.27 -15.17 -22.76
C MET C 15 -17.51 -14.84 -21.48
N ASP C 16 -17.96 -13.78 -20.83
CA ASP C 16 -17.68 -13.55 -19.40
C ASP C 16 -18.88 -14.08 -18.64
N LEU C 17 -18.82 -15.35 -18.22
CA LEU C 17 -19.96 -15.99 -17.57
C LEU C 17 -20.23 -15.36 -16.21
N THR C 18 -21.36 -14.68 -16.09
CA THR C 18 -21.52 -13.73 -14.99
C THR C 18 -22.49 -14.17 -13.91
N SER C 19 -22.14 -13.88 -12.67
CA SER C 19 -23.03 -14.04 -11.53
C SER C 19 -22.76 -12.92 -10.55
N LEU C 20 -23.73 -12.01 -10.41
CA LEU C 20 -23.58 -10.83 -9.57
C LEU C 20 -24.87 -10.58 -8.79
N THR C 21 -25.32 -11.58 -8.04
CA THR C 21 -26.51 -11.44 -7.23
C THR C 21 -26.17 -10.78 -5.90
N ASN C 22 -24.89 -10.86 -5.55
CA ASN C 22 -24.34 -10.37 -4.28
C ASN C 22 -24.84 -11.18 -3.09
N THR C 23 -25.45 -12.34 -3.34
CA THR C 23 -25.83 -13.26 -2.28
C THR C 23 -25.37 -14.68 -2.59
N GLU C 24 -24.36 -14.80 -3.44
CA GLU C 24 -23.86 -16.12 -3.83
C GLU C 24 -23.24 -16.87 -2.65
N THR C 25 -23.31 -18.19 -2.69
CA THR C 25 -22.59 -19.05 -1.77
C THR C 25 -21.34 -19.58 -2.44
N ASP C 26 -20.42 -20.11 -1.63
CA ASP C 26 -19.18 -20.68 -2.18
C ASP C 26 -19.51 -21.78 -3.19
N GLN C 27 -20.49 -22.61 -2.86
CA GLN C 27 -20.93 -23.67 -3.74
C GLN C 27 -21.38 -23.13 -5.11
N GLU C 28 -22.16 -22.06 -5.10
CA GLU C 28 -22.66 -21.45 -6.33
C GLU C 28 -21.52 -20.90 -7.17
N ILE C 29 -20.48 -20.40 -6.51
CA ILE C 29 -19.31 -19.90 -7.23
C ILE C 29 -18.58 -21.07 -7.90
N ILE C 30 -18.44 -22.18 -7.17
CA ILE C 30 -17.84 -23.40 -7.71
C ILE C 30 -18.66 -23.93 -8.89
N ASP C 31 -19.99 -23.90 -8.77
CA ASP C 31 -20.87 -24.32 -9.85
C ASP C 31 -20.67 -23.45 -11.09
N LEU C 32 -20.47 -22.16 -10.87
CA LEU C 32 -20.27 -21.23 -11.97
C LEU C 32 -18.99 -21.61 -12.73
N CYS C 33 -17.95 -21.92 -11.97
CA CYS C 33 -16.66 -22.30 -12.53
C CYS C 33 -16.78 -23.58 -13.36
N ARG C 34 -17.60 -24.51 -12.87
CA ARG C 34 -17.84 -25.74 -13.59
C ARG C 34 -18.58 -25.49 -14.90
N GLN C 35 -19.62 -24.66 -14.87
CA GLN C 35 -20.35 -24.34 -16.10
C GLN C 35 -19.41 -23.70 -17.12
N ALA C 36 -18.51 -22.84 -16.65
CA ALA C 36 -17.56 -22.15 -17.52
C ALA C 36 -16.69 -23.14 -18.30
N LYS C 37 -16.46 -24.30 -17.71
CA LYS C 37 -15.79 -25.40 -18.42
C LYS C 37 -16.83 -26.22 -19.17
N SER C 38 -17.38 -25.66 -20.24
CA SER C 38 -18.54 -26.23 -20.94
C SER C 38 -18.15 -27.39 -21.84
N PRO C 39 -19.15 -28.21 -22.24
CA PRO C 39 -18.82 -29.30 -23.17
C PRO C 39 -18.42 -28.83 -24.58
N ALA C 40 -18.73 -27.57 -24.92
CA ALA C 40 -18.36 -27.02 -26.22
C ALA C 40 -17.10 -26.15 -26.12
N GLY C 41 -16.45 -26.19 -24.96
CA GLY C 41 -15.26 -25.38 -24.75
C GLY C 41 -15.38 -24.45 -23.55
N GLU C 42 -14.27 -23.86 -23.15
CA GLU C 42 -14.25 -22.98 -22.00
C GLU C 42 -14.65 -21.58 -22.40
N THR C 43 -15.35 -20.88 -21.51
CA THR C 43 -15.66 -19.48 -21.77
C THR C 43 -14.37 -18.69 -21.58
N ALA C 44 -14.39 -17.43 -22.01
CA ALA C 44 -13.20 -16.60 -21.86
C ALA C 44 -12.93 -16.35 -20.38
N ALA C 45 -14.00 -16.13 -19.61
CA ALA C 45 -13.87 -15.70 -18.23
C ALA C 45 -15.13 -15.96 -17.43
N ILE C 46 -15.03 -15.71 -16.12
CA ILE C 46 -16.20 -15.60 -15.25
C ILE C 46 -16.21 -14.18 -14.69
N CYS C 47 -17.38 -13.72 -14.23
CA CYS C 47 -17.48 -12.39 -13.65
C CYS C 47 -18.29 -12.47 -12.36
N ILE C 48 -17.64 -12.10 -11.25
CA ILE C 48 -18.18 -12.31 -9.90
C ILE C 48 -17.74 -11.16 -8.98
N PHE C 49 -18.43 -11.01 -7.86
CA PHE C 49 -18.01 -9.99 -6.91
C PHE C 49 -16.66 -10.35 -6.29
N PRO C 50 -15.89 -9.34 -5.86
CA PRO C 50 -14.47 -9.54 -5.49
C PRO C 50 -14.23 -10.57 -4.39
N ARG C 51 -15.07 -10.61 -3.36
CA ARG C 51 -14.81 -11.51 -2.25
C ARG C 51 -14.90 -12.98 -2.67
N PHE C 52 -15.42 -13.24 -3.86
CA PHE C 52 -15.59 -14.62 -4.30
C PHE C 52 -14.39 -15.11 -5.12
N ILE C 53 -13.47 -14.20 -5.42
CA ILE C 53 -12.31 -14.52 -6.26
C ILE C 53 -11.40 -15.64 -5.73
N PRO C 54 -11.06 -15.65 -4.41
CA PRO C 54 -10.16 -16.73 -3.99
C PRO C 54 -10.77 -18.14 -4.07
N VAL C 55 -12.07 -18.26 -3.86
CA VAL C 55 -12.75 -19.54 -4.00
C VAL C 55 -12.83 -19.94 -5.49
N ALA C 56 -13.15 -18.98 -6.36
CA ALA C 56 -13.20 -19.27 -7.80
C ALA C 56 -11.83 -19.68 -8.30
N LYS C 57 -10.80 -19.01 -7.81
CA LYS C 57 -9.43 -19.32 -8.23
C LYS C 57 -9.10 -20.76 -7.88
N LYS C 58 -9.43 -21.16 -6.65
CA LYS C 58 -9.21 -22.54 -6.20
C LYS C 58 -9.97 -23.55 -7.05
N ALA C 59 -11.25 -23.30 -7.31
CA ALA C 59 -12.06 -24.21 -8.11
C ALA C 59 -11.56 -24.30 -9.55
N LEU C 60 -11.19 -23.17 -10.14
CA LEU C 60 -10.68 -23.18 -11.51
C LEU C 60 -9.41 -24.01 -11.59
N LYS C 61 -8.53 -23.87 -10.61
CA LYS C 61 -7.30 -24.64 -10.55
C LYS C 61 -7.59 -26.13 -10.40
N ALA C 62 -8.54 -26.47 -9.53
CA ALA C 62 -8.89 -27.86 -9.26
C ALA C 62 -9.52 -28.58 -10.46
N GLN C 63 -10.16 -27.84 -11.36
CA GLN C 63 -10.78 -28.45 -12.54
C GLN C 63 -9.89 -28.26 -13.77
N GLN C 64 -8.66 -27.82 -13.51
CA GLN C 64 -7.62 -27.66 -14.53
C GLN C 64 -8.03 -26.78 -15.71
N THR C 65 -8.63 -25.63 -15.39
CA THR C 65 -8.93 -24.62 -16.40
C THR C 65 -8.38 -23.27 -15.95
N PRO C 66 -7.05 -23.14 -15.88
CA PRO C 66 -6.43 -21.91 -15.38
C PRO C 66 -6.51 -20.74 -16.37
N HIS C 67 -6.89 -21.01 -17.60
CA HIS C 67 -6.92 -19.97 -18.64
C HIS C 67 -8.27 -19.25 -18.68
N ILE C 68 -9.25 -19.76 -17.96
CA ILE C 68 -10.49 -19.03 -17.76
C ILE C 68 -10.22 -17.88 -16.81
N LYS C 69 -10.33 -16.64 -17.30
CA LYS C 69 -9.99 -15.47 -16.47
C LYS C 69 -11.04 -15.19 -15.41
N ILE C 70 -10.61 -14.56 -14.32
CA ILE C 70 -11.55 -14.10 -13.30
C ILE C 70 -11.71 -12.60 -13.37
N ALA C 71 -12.86 -12.17 -13.85
CA ALA C 71 -13.18 -10.75 -13.88
C ALA C 71 -14.05 -10.42 -12.67
N THR C 72 -13.98 -9.18 -12.22
CA THR C 72 -14.85 -8.72 -11.16
C THR C 72 -15.29 -7.29 -11.47
N VAL C 73 -16.01 -6.67 -10.52
CA VAL C 73 -16.56 -5.33 -10.74
C VAL C 73 -16.20 -4.40 -9.57
N THR C 74 -15.93 -3.13 -9.88
CA THR C 74 -15.72 -2.13 -8.84
C THR C 74 -16.50 -0.84 -9.16
N ASN C 75 -16.69 -0.01 -8.14
CA ASN C 75 -17.56 1.17 -8.22
C ASN C 75 -18.96 0.76 -8.70
N PHE C 76 -19.37 -0.44 -8.31
CA PHE C 76 -20.48 -1.15 -8.95
C PHE C 76 -21.67 -1.31 -8.00
N PRO C 77 -22.90 -1.08 -8.49
CA PRO C 77 -23.25 -0.71 -9.86
C PRO C 77 -23.50 0.79 -10.11
N GLN C 78 -23.45 1.59 -9.04
N GLN C 78 -23.45 1.60 -9.05
CA GLN C 78 -23.88 2.98 -9.09
CA GLN C 78 -23.90 2.98 -9.13
C GLN C 78 -23.00 3.86 -9.99
C GLN C 78 -23.00 3.91 -9.93
N GLY C 79 -21.71 3.59 -10.00
CA GLY C 79 -20.78 4.44 -10.72
C GLY C 79 -20.72 5.83 -10.11
N ASN C 80 -20.53 5.90 -8.79
CA ASN C 80 -20.40 7.18 -8.11
C ASN C 80 -19.13 7.91 -8.56
N ASP C 81 -19.01 9.18 -8.21
CA ASP C 81 -17.87 9.98 -8.63
C ASP C 81 -16.79 10.15 -7.55
N ASP C 82 -16.71 9.21 -6.62
CA ASP C 82 -15.68 9.24 -5.59
C ASP C 82 -14.48 8.40 -6.03
N LEU C 83 -13.38 9.09 -6.34
CA LEU C 83 -12.17 8.46 -6.85
C LEU C 83 -11.50 7.56 -5.80
N ASP C 84 -11.43 8.03 -4.57
CA ASP C 84 -10.74 7.30 -3.52
C ASP C 84 -11.38 5.93 -3.27
N ILE C 85 -12.71 5.90 -3.35
CA ILE C 85 -13.46 4.67 -3.13
C ILE C 85 -13.28 3.71 -4.29
N ALA C 86 -13.41 4.22 -5.52
CA ALA C 86 -13.20 3.39 -6.71
C ALA C 86 -11.79 2.81 -6.72
N LEU C 87 -10.81 3.64 -6.38
CA LEU C 87 -9.43 3.19 -6.32
C LEU C 87 -9.22 2.12 -5.24
N ALA C 88 -9.81 2.30 -4.07
CA ALA C 88 -9.62 1.35 -2.99
C ALA C 88 -10.21 -0.01 -3.36
N GLU C 89 -11.39 -0.01 -3.96
CA GLU C 89 -12.03 -1.26 -4.41
C GLU C 89 -11.21 -1.95 -5.49
N THR C 90 -10.61 -1.17 -6.38
CA THR C 90 -9.85 -1.76 -7.48
C THR C 90 -8.56 -2.36 -6.95
N ARG C 91 -7.92 -1.67 -6.01
CA ARG C 91 -6.76 -2.22 -5.33
C ARG C 91 -7.12 -3.53 -4.62
N ALA C 92 -8.30 -3.58 -4.00
CA ALA C 92 -8.72 -4.78 -3.29
C ALA C 92 -9.00 -5.93 -4.26
N ALA C 93 -9.65 -5.60 -5.38
CA ALA C 93 -9.94 -6.58 -6.41
C ALA C 93 -8.65 -7.23 -6.92
N VAL C 94 -7.65 -6.40 -7.18
CA VAL C 94 -6.33 -6.90 -7.59
C VAL C 94 -5.72 -7.76 -6.48
N ALA C 95 -5.75 -7.26 -5.24
CA ALA C 95 -5.25 -8.03 -4.09
C ALA C 95 -5.94 -9.37 -3.91
N TYR C 96 -7.24 -9.43 -4.19
CA TYR C 96 -7.97 -10.70 -4.13
C TYR C 96 -7.44 -11.71 -5.16
N GLY C 97 -6.95 -11.18 -6.28
CA GLY C 97 -6.42 -12.01 -7.36
C GLY C 97 -7.15 -11.89 -8.69
N ALA C 98 -7.92 -10.82 -8.88
CA ALA C 98 -8.65 -10.62 -10.13
C ALA C 98 -7.70 -10.59 -11.33
N ASP C 99 -8.12 -11.19 -12.44
CA ASP C 99 -7.37 -11.05 -13.69
C ASP C 99 -7.85 -9.82 -14.44
N GLU C 100 -9.10 -9.46 -14.20
CA GLU C 100 -9.71 -8.33 -14.91
C GLU C 100 -10.65 -7.61 -13.96
N VAL C 101 -10.74 -6.28 -14.10
CA VAL C 101 -11.60 -5.50 -13.23
C VAL C 101 -12.53 -4.65 -14.10
N ASP C 102 -13.83 -4.84 -13.95
CA ASP C 102 -14.81 -4.06 -14.69
C ASP C 102 -15.31 -2.90 -13.83
N LEU C 103 -14.76 -1.72 -14.11
CA LEU C 103 -15.01 -0.51 -13.32
C LEU C 103 -16.17 0.29 -13.88
N VAL C 104 -17.09 0.73 -13.04
CA VAL C 104 -18.16 1.60 -13.53
C VAL C 104 -17.69 3.07 -13.60
N PHE C 105 -17.72 3.60 -14.81
CA PHE C 105 -17.44 5.00 -15.10
C PHE C 105 -18.40 5.90 -14.33
N PRO C 106 -17.95 7.08 -13.90
CA PRO C 106 -18.90 7.99 -13.23
C PRO C 106 -19.76 8.72 -14.28
N TYR C 107 -20.76 8.02 -14.79
CA TYR C 107 -21.52 8.51 -15.95
C TYR C 107 -22.46 9.66 -15.59
N ARG C 108 -22.98 9.65 -14.36
CA ARG C 108 -23.83 10.75 -13.91
C ARG C 108 -23.03 12.05 -13.85
N ALA C 109 -21.77 11.99 -13.44
CA ALA C 109 -20.90 13.17 -13.46
C ALA C 109 -20.70 13.66 -14.91
N LEU C 110 -20.52 12.73 -15.83
CA LEU C 110 -20.36 13.10 -17.24
C LEU C 110 -21.61 13.83 -17.73
N ILE C 111 -22.77 13.30 -17.37
CA ILE C 111 -24.05 13.91 -17.75
C ILE C 111 -24.15 15.35 -17.25
N GLN C 112 -23.57 15.62 -16.08
N GLN C 112 -23.57 15.63 -16.08
CA GLN C 112 -23.57 16.98 -15.52
CA GLN C 112 -23.57 16.98 -15.53
C GLN C 112 -22.47 17.85 -16.13
C GLN C 112 -22.42 17.82 -16.09
N GLY C 113 -21.69 17.27 -17.04
CA GLY C 113 -20.64 18.01 -17.73
C GLY C 113 -19.23 17.84 -17.20
N ASN C 114 -19.07 17.06 -16.14
CA ASN C 114 -17.75 16.76 -15.58
C ASN C 114 -17.09 15.60 -16.30
N GLU C 115 -16.18 15.92 -17.23
CA GLU C 115 -15.43 14.89 -17.96
C GLU C 115 -14.18 14.49 -17.19
N THR C 116 -13.74 15.38 -16.32
CA THR C 116 -12.46 15.23 -15.64
C THR C 116 -12.43 14.07 -14.64
N ILE C 117 -13.48 13.93 -13.83
CA ILE C 117 -13.49 12.89 -12.81
C ILE C 117 -13.49 11.51 -13.45
N GLY C 118 -14.16 11.38 -14.60
CA GLY C 118 -14.16 10.12 -15.33
C GLY C 118 -12.78 9.73 -15.80
N PHE C 119 -12.05 10.70 -16.34
CA PHE C 119 -10.69 10.46 -16.80
C PHE C 119 -9.78 10.08 -15.63
N ASP C 120 -9.81 10.87 -14.57
CA ASP C 120 -8.96 10.64 -13.42
C ASP C 120 -9.21 9.27 -12.81
N MET C 121 -10.49 8.91 -12.69
CA MET C 121 -10.86 7.66 -12.02
C MET C 121 -10.40 6.44 -12.82
N VAL C 122 -10.63 6.46 -14.13
CA VAL C 122 -10.15 5.37 -14.98
C VAL C 122 -8.63 5.27 -14.92
N LYS C 123 -7.95 6.42 -14.98
CA LYS C 123 -6.48 6.42 -14.97
C LYS C 123 -5.87 5.83 -13.70
N VAL C 124 -6.33 6.27 -12.53
CA VAL C 124 -5.73 5.75 -11.30
C VAL C 124 -6.10 4.28 -11.10
N CYS C 125 -7.28 3.88 -11.56
CA CYS C 125 -7.67 2.47 -11.47
C CYS C 125 -6.88 1.60 -12.44
N LYS C 126 -6.56 2.14 -13.63
CA LYS C 126 -5.70 1.43 -14.58
C LYS C 126 -4.32 1.22 -13.96
N GLN C 127 -3.78 2.28 -13.35
CA GLN C 127 -2.49 2.19 -12.69
C GLN C 127 -2.49 1.13 -11.57
N ALA C 128 -3.59 1.01 -10.84
CA ALA C 128 -3.68 0.02 -9.75
C ALA C 128 -3.65 -1.40 -10.31
N CYS C 129 -4.12 -1.56 -11.55
CA CYS C 129 -4.15 -2.87 -12.20
C CYS C 129 -2.83 -3.27 -12.83
N SER C 130 -1.88 -2.34 -12.87
CA SER C 130 -0.65 -2.55 -13.63
C SER C 130 0.07 -3.83 -13.24
N GLY C 131 0.36 -4.65 -14.25
CA GLY C 131 1.12 -5.87 -14.05
C GLY C 131 0.31 -7.01 -13.46
N ASN C 132 -0.98 -6.79 -13.23
CA ASN C 132 -1.81 -7.81 -12.63
C ASN C 132 -3.12 -8.08 -13.36
N ALA C 133 -3.75 -7.02 -13.87
CA ALA C 133 -5.09 -7.17 -14.41
C ALA C 133 -5.40 -6.20 -15.53
N LYS C 134 -6.33 -6.60 -16.39
CA LYS C 134 -6.89 -5.68 -17.40
C LYS C 134 -8.04 -4.89 -16.80
N LEU C 135 -8.25 -3.68 -17.30
CA LEU C 135 -9.32 -2.82 -16.81
C LEU C 135 -10.40 -2.61 -17.86
N LYS C 136 -11.62 -3.08 -17.58
CA LYS C 136 -12.75 -2.75 -18.43
C LYS C 136 -13.49 -1.57 -17.81
N VAL C 137 -14.06 -0.70 -18.63
CA VAL C 137 -14.81 0.44 -18.10
C VAL C 137 -16.26 0.38 -18.57
N ILE C 138 -17.16 0.27 -17.61
CA ILE C 138 -18.60 0.26 -17.87
C ILE C 138 -19.11 1.68 -17.96
N ILE C 139 -19.63 2.08 -19.11
CA ILE C 139 -20.08 3.47 -19.23
C ILE C 139 -21.58 3.60 -19.05
N GLU C 140 -22.28 2.46 -19.04
CA GLU C 140 -23.71 2.40 -18.74
C GLU C 140 -24.51 3.15 -19.81
N THR C 141 -24.46 2.64 -21.03
CA THR C 141 -25.09 3.29 -22.17
C THR C 141 -26.61 3.49 -22.01
N GLY C 142 -27.24 2.67 -21.18
CA GLY C 142 -28.67 2.79 -20.94
C GLY C 142 -29.05 4.07 -20.21
N GLU C 143 -28.09 4.65 -19.50
CA GLU C 143 -28.32 5.90 -18.77
C GLU C 143 -27.76 7.09 -19.56
N LEU C 144 -26.72 6.87 -20.34
CA LEU C 144 -26.17 7.93 -21.17
C LEU C 144 -27.15 8.28 -22.29
N LYS C 145 -27.74 7.24 -22.89
CA LYS C 145 -28.79 7.33 -23.91
C LYS C 145 -28.35 7.94 -25.25
N SER C 146 -27.87 9.17 -25.23
CA SER C 146 -27.57 9.87 -26.49
C SER C 146 -26.32 9.34 -27.18
N GLU C 147 -26.23 9.56 -28.48
CA GLU C 147 -25.05 9.17 -29.26
C GLU C 147 -23.84 9.95 -28.76
N GLU C 148 -24.03 11.25 -28.50
CA GLU C 148 -22.94 12.13 -28.09
C GLU C 148 -22.31 11.67 -26.77
N LEU C 149 -23.16 11.35 -25.77
CA LEU C 149 -22.66 10.96 -24.46
C LEU C 149 -21.98 9.59 -24.47
N ILE C 150 -22.60 8.63 -25.15
CA ILE C 150 -21.99 7.31 -25.29
C ILE C 150 -20.63 7.42 -25.97
N ARG C 151 -20.56 8.23 -27.03
CA ARG C 151 -19.30 8.43 -27.74
C ARG C 151 -18.28 9.09 -26.82
N LYS C 152 -18.72 10.09 -26.08
CA LYS C 152 -17.83 10.87 -25.24
C LYS C 152 -17.28 10.05 -24.09
N ALA C 153 -18.13 9.26 -23.44
CA ALA C 153 -17.69 8.40 -22.34
C ALA C 153 -16.69 7.37 -22.86
N SER C 154 -16.96 6.83 -24.03
CA SER C 154 -16.06 5.86 -24.66
C SER C 154 -14.69 6.49 -24.92
N GLU C 155 -14.69 7.70 -25.47
CA GLU C 155 -13.44 8.39 -25.80
C GLU C 155 -12.63 8.70 -24.54
N ILE C 156 -13.30 9.20 -23.50
CA ILE C 156 -12.62 9.51 -22.24
C ILE C 156 -12.00 8.26 -21.62
N ALA C 157 -12.79 7.20 -21.53
CA ALA C 157 -12.32 5.94 -20.98
C ALA C 157 -11.08 5.44 -21.74
N ILE C 158 -11.14 5.48 -23.07
CA ILE C 158 -10.01 5.03 -23.86
C ILE C 158 -8.79 5.95 -23.63
N ASN C 159 -9.04 7.26 -23.59
N ASN C 159 -9.03 7.26 -23.61
CA ASN C 159 -7.95 8.20 -23.38
CA ASN C 159 -7.98 8.23 -23.36
C ASN C 159 -7.25 7.97 -22.06
C ASN C 159 -7.24 7.94 -22.06
N ALA C 160 -8.02 7.61 -21.03
CA ALA C 160 -7.46 7.38 -19.71
C ALA C 160 -6.82 5.99 -19.56
N GLY C 161 -6.94 5.15 -20.57
CA GLY C 161 -6.22 3.89 -20.60
C GLY C 161 -7.03 2.60 -20.45
N ALA C 162 -8.35 2.69 -20.57
CA ALA C 162 -9.19 1.49 -20.51
C ALA C 162 -8.71 0.40 -21.47
N ASP C 163 -8.73 -0.86 -21.04
CA ASP C 163 -8.41 -1.98 -21.92
C ASP C 163 -9.63 -2.46 -22.71
N PHE C 164 -10.80 -2.34 -22.09
CA PHE C 164 -12.10 -2.62 -22.72
C PHE C 164 -13.05 -1.48 -22.40
N ILE C 165 -14.00 -1.23 -23.28
CA ILE C 165 -15.17 -0.44 -22.88
C ILE C 165 -16.40 -1.34 -22.94
N LYS C 166 -17.23 -1.22 -21.91
CA LYS C 166 -18.31 -2.16 -21.67
C LYS C 166 -19.62 -1.39 -21.61
N THR C 167 -20.68 -1.92 -22.21
CA THR C 167 -21.89 -1.13 -22.32
C THR C 167 -22.60 -0.89 -20.99
N SER C 168 -22.73 -1.91 -20.16
CA SER C 168 -23.75 -1.88 -19.11
C SER C 168 -23.40 -2.67 -17.86
N THR C 169 -24.02 -2.28 -16.74
CA THR C 169 -23.86 -3.02 -15.48
C THR C 169 -24.77 -4.22 -15.42
N GLY C 170 -25.85 -4.18 -16.20
CA GLY C 170 -26.87 -5.19 -16.12
C GLY C 170 -27.86 -4.93 -15.00
N LYS C 171 -27.66 -3.84 -14.26
CA LYS C 171 -28.51 -3.54 -13.11
C LYS C 171 -29.46 -2.36 -13.38
N VAL C 172 -29.51 -1.89 -14.61
CA VAL C 172 -30.44 -0.83 -14.98
C VAL C 172 -31.40 -1.33 -16.05
N ALA C 173 -32.43 -0.53 -16.35
CA ALA C 173 -33.50 -0.92 -17.27
C ALA C 173 -33.00 -1.22 -18.68
N ILE C 174 -32.20 -0.30 -19.22
CA ILE C 174 -31.68 -0.45 -20.57
C ILE C 174 -30.21 -0.85 -20.52
N ASN C 175 -29.89 -1.98 -21.13
CA ASN C 175 -28.50 -2.42 -21.17
C ASN C 175 -27.97 -2.40 -22.61
N ALA C 176 -27.22 -3.41 -23.03
CA ALA C 176 -26.59 -3.39 -24.36
C ALA C 176 -27.64 -3.27 -25.45
N THR C 177 -27.37 -2.38 -26.42
CA THR C 177 -28.21 -2.22 -27.59
C THR C 177 -27.33 -2.15 -28.84
N PRO C 178 -27.88 -2.52 -30.00
CA PRO C 178 -27.16 -2.40 -31.28
C PRO C 178 -26.70 -0.98 -31.55
N GLU C 179 -27.53 0.01 -31.22
CA GLU C 179 -27.18 1.42 -31.41
C GLU C 179 -25.95 1.82 -30.60
N ALA C 180 -26.00 1.59 -29.29
CA ALA C 180 -24.86 1.92 -28.43
C ALA C 180 -23.59 1.20 -28.87
N ALA C 181 -23.74 -0.06 -29.25
CA ALA C 181 -22.60 -0.88 -29.68
C ALA C 181 -21.92 -0.28 -30.92
N LYS C 182 -22.72 0.18 -31.88
CA LYS C 182 -22.18 0.75 -33.11
C LYS C 182 -21.33 1.97 -32.82
N VAL C 183 -21.84 2.85 -31.95
CA VAL C 183 -21.11 4.04 -31.54
C VAL C 183 -19.78 3.68 -30.84
N MET C 184 -19.82 2.74 -29.91
CA MET C 184 -18.63 2.37 -29.15
C MET C 184 -17.57 1.70 -30.04
N LEU C 185 -18.01 0.81 -30.91
CA LEU C 185 -17.09 0.14 -31.84
C LEU C 185 -16.44 1.13 -32.79
N THR C 186 -17.19 2.15 -33.17
CA THR C 186 -16.69 3.18 -34.06
C THR C 186 -15.68 4.08 -33.35
N VAL C 187 -15.92 4.34 -32.06
CA VAL C 187 -14.92 5.06 -31.26
C VAL C 187 -13.63 4.24 -31.18
N ILE C 188 -13.76 2.93 -30.95
CA ILE C 188 -12.59 2.05 -30.92
C ILE C 188 -11.83 2.12 -32.25
N LYS C 189 -12.56 2.05 -33.35
CA LYS C 189 -11.96 2.17 -34.67
C LYS C 189 -11.20 3.49 -34.84
N ASN C 190 -11.79 4.59 -34.37
CA ASN C 190 -11.20 5.90 -34.63
C ASN C 190 -10.15 6.33 -33.61
N LYS C 191 -10.19 5.75 -32.42
CA LYS C 191 -9.30 6.16 -31.32
C LYS C 191 -8.17 5.19 -31.02
N ASN C 192 -8.48 3.89 -30.99
CA ASN C 192 -7.53 2.90 -30.48
C ASN C 192 -8.05 1.48 -30.73
N THR C 193 -7.60 0.82 -31.80
CA THR C 193 -8.13 -0.49 -32.15
C THR C 193 -7.66 -1.61 -31.24
N ALA C 194 -6.74 -1.31 -30.32
CA ALA C 194 -6.33 -2.32 -29.33
C ALA C 194 -7.30 -2.40 -28.15
N VAL C 195 -8.24 -1.47 -28.05
CA VAL C 195 -9.20 -1.49 -26.96
C VAL C 195 -10.34 -2.47 -27.28
N GLY C 196 -10.69 -3.30 -26.29
CA GLY C 196 -11.75 -4.30 -26.46
C GLY C 196 -13.16 -3.78 -26.24
N PHE C 197 -14.15 -4.55 -26.68
CA PHE C 197 -15.55 -4.16 -26.55
C PHE C 197 -16.33 -5.25 -25.81
N LYS C 198 -17.19 -4.85 -24.88
CA LYS C 198 -17.98 -5.83 -24.13
C LYS C 198 -19.43 -5.41 -23.97
N PRO C 199 -20.31 -5.90 -24.87
CA PRO C 199 -21.74 -5.72 -24.68
C PRO C 199 -22.21 -6.64 -23.54
N ALA C 200 -23.00 -6.07 -22.62
CA ALA C 200 -23.40 -6.77 -21.42
C ALA C 200 -24.86 -6.50 -21.12
N GLY C 201 -25.55 -7.53 -20.64
CA GLY C 201 -26.94 -7.40 -20.26
C GLY C 201 -27.84 -7.59 -21.47
N GLY C 202 -28.82 -8.46 -21.35
CA GLY C 202 -29.83 -8.64 -22.38
C GLY C 202 -29.47 -9.54 -23.54
N VAL C 203 -28.22 -10.02 -23.60
CA VAL C 203 -27.80 -10.94 -24.65
C VAL C 203 -28.21 -12.37 -24.31
N ARG C 204 -29.31 -12.82 -24.91
CA ARG C 204 -29.99 -14.03 -24.45
C ARG C 204 -29.73 -15.27 -25.33
N ASN C 205 -29.42 -15.06 -26.60
CA ASN C 205 -29.25 -16.19 -27.51
C ASN C 205 -28.28 -15.91 -28.66
N ALA C 206 -28.07 -16.90 -29.51
CA ALA C 206 -27.14 -16.78 -30.62
C ALA C 206 -27.56 -15.67 -31.59
N ASP C 207 -28.86 -15.50 -31.78
CA ASP C 207 -29.38 -14.42 -32.61
C ASP C 207 -28.96 -13.04 -32.06
N ASP C 208 -29.07 -12.86 -30.74
CA ASP C 208 -28.60 -11.62 -30.13
C ASP C 208 -27.10 -11.45 -30.32
N ALA C 209 -26.36 -12.52 -30.08
CA ALA C 209 -24.92 -12.48 -30.16
C ALA C 209 -24.46 -12.06 -31.56
N ALA C 210 -25.12 -12.60 -32.57
CA ALA C 210 -24.75 -12.34 -33.96
C ALA C 210 -24.83 -10.86 -34.31
N ILE C 211 -25.77 -10.17 -33.68
CA ILE C 211 -25.95 -8.74 -33.91
C ILE C 211 -24.66 -7.97 -33.58
N TYR C 212 -24.10 -8.23 -32.40
CA TYR C 212 -22.90 -7.51 -31.96
C TYR C 212 -21.65 -8.00 -32.67
N LEU C 213 -21.57 -9.30 -32.96
CA LEU C 213 -20.43 -9.85 -33.68
C LEU C 213 -20.41 -9.32 -35.13
N ASP C 214 -21.59 -9.15 -35.71
CA ASP C 214 -21.67 -8.62 -37.07
C ASP C 214 -21.22 -7.16 -37.11
N LEU C 215 -21.63 -6.40 -36.09
CA LEU C 215 -21.16 -5.02 -35.97
C LEU C 215 -19.64 -4.95 -35.87
N ALA C 216 -19.06 -5.77 -35.00
CA ALA C 216 -17.61 -5.76 -34.80
C ALA C 216 -16.90 -6.12 -36.11
N ASP C 217 -17.34 -7.19 -36.75
CA ASP C 217 -16.72 -7.65 -38.01
C ASP C 217 -16.80 -6.58 -39.10
N ASN C 218 -17.95 -5.91 -39.21
CA ASN C 218 -18.16 -4.95 -40.28
C ASN C 218 -17.42 -3.63 -40.04
N ILE C 219 -17.30 -3.24 -38.77
CA ILE C 219 -16.68 -1.97 -38.44
C ILE C 219 -15.17 -2.12 -38.32
N LEU C 220 -14.71 -3.20 -37.72
CA LEU C 220 -13.30 -3.35 -37.40
C LEU C 220 -12.57 -4.44 -38.20
N GLY C 221 -13.31 -5.18 -39.01
CA GLY C 221 -12.72 -6.25 -39.79
C GLY C 221 -12.97 -7.59 -39.12
N ASN C 222 -12.94 -8.66 -39.90
CA ASN C 222 -13.31 -9.99 -39.42
C ASN C 222 -12.36 -10.60 -38.41
N GLU C 223 -11.10 -10.18 -38.45
CA GLU C 223 -10.08 -10.74 -37.57
C GLU C 223 -10.09 -10.10 -36.19
N TRP C 224 -10.80 -8.99 -36.04
CA TRP C 224 -10.66 -8.17 -34.84
C TRP C 224 -11.23 -8.81 -33.55
N ALA C 225 -12.46 -9.32 -33.61
CA ALA C 225 -13.15 -9.71 -32.37
C ALA C 225 -12.72 -11.07 -31.84
N ASP C 226 -11.54 -11.14 -31.23
CA ASP C 226 -11.13 -12.34 -30.51
C ASP C 226 -11.32 -12.09 -28.99
N ALA C 227 -10.88 -13.03 -28.14
CA ALA C 227 -11.13 -12.92 -26.69
C ALA C 227 -10.41 -11.72 -26.06
N ASN C 228 -9.39 -11.22 -26.74
CA ASN C 228 -8.66 -10.05 -26.26
C ASN C 228 -9.35 -8.75 -26.62
N HIS C 229 -10.36 -8.80 -27.49
CA HIS C 229 -10.99 -7.59 -27.97
C HIS C 229 -12.51 -7.57 -27.86
N PHE C 230 -13.09 -8.69 -27.47
CA PHE C 230 -14.54 -8.81 -27.48
C PHE C 230 -14.98 -9.80 -26.41
N ARG C 231 -15.92 -9.40 -25.56
CA ARG C 231 -16.54 -10.31 -24.60
C ARG C 231 -18.04 -10.11 -24.56
N PHE C 232 -18.77 -11.17 -24.23
CA PHE C 232 -20.18 -11.03 -23.88
C PHE C 232 -20.35 -11.07 -22.37
N GLY C 233 -20.93 -10.00 -21.82
CA GLY C 233 -21.34 -9.98 -20.42
C GLY C 233 -22.71 -10.60 -20.32
N ALA C 234 -22.76 -11.85 -19.88
CA ALA C 234 -23.97 -12.65 -19.97
C ALA C 234 -23.97 -13.83 -19.00
N SER C 235 -25.13 -14.48 -18.86
CA SER C 235 -25.22 -15.66 -18.01
C SER C 235 -26.05 -16.77 -18.66
N SER C 236 -27.36 -16.59 -18.77
CA SER C 236 -28.24 -17.61 -19.33
C SER C 236 -27.97 -17.81 -20.83
N LEU C 237 -27.17 -16.93 -21.40
CA LEU C 237 -26.67 -17.09 -22.75
C LEU C 237 -26.04 -18.47 -22.96
N LEU C 238 -25.27 -18.91 -21.97
CA LEU C 238 -24.49 -20.14 -22.09
C LEU C 238 -25.36 -21.35 -22.37
N ILE C 239 -26.41 -21.53 -21.58
CA ILE C 239 -27.33 -22.63 -21.80
C ILE C 239 -27.96 -22.58 -23.20
N SER C 240 -28.34 -21.38 -23.61
CA SER C 240 -28.97 -21.20 -24.92
C SER C 240 -28.00 -21.61 -26.03
N LEU C 241 -26.73 -21.22 -25.87
CA LEU C 241 -25.69 -21.54 -26.84
C LEU C 241 -25.41 -23.04 -26.88
N LEU C 242 -25.33 -23.67 -25.72
CA LEU C 242 -25.11 -25.11 -25.65
C LEU C 242 -26.26 -25.87 -26.31
N ASP C 243 -27.46 -25.32 -26.19
CA ASP C 243 -28.64 -25.91 -26.83
C ASP C 243 -28.53 -25.82 -28.36
N THR C 244 -28.17 -24.65 -28.86
CA THR C 244 -27.94 -24.46 -30.28
C THR C 244 -26.88 -25.43 -30.81
N LEU C 245 -25.81 -25.65 -30.04
CA LEU C 245 -24.72 -26.51 -30.50
C LEU C 245 -24.98 -28.00 -30.27
N GLY C 246 -26.17 -28.34 -29.81
CA GLY C 246 -26.52 -29.74 -29.60
C GLY C 246 -25.77 -30.43 -28.48
N HIS C 247 -25.48 -29.70 -27.40
CA HIS C 247 -24.90 -30.32 -26.21
C HIS C 247 -25.95 -30.51 -25.12
N SER D 2 -16.90 -1.52 42.54
CA SER D 2 -16.80 -0.97 41.19
C SER D 2 -17.99 -0.07 40.87
N ASP D 3 -17.71 1.15 40.44
CA ASP D 3 -18.74 2.03 39.94
C ASP D 3 -19.11 1.56 38.54
N ILE D 4 -20.35 1.13 38.36
CA ILE D 4 -20.76 0.53 37.11
C ILE D 4 -20.72 1.56 35.98
N LYS D 5 -20.82 2.84 36.34
CA LYS D 5 -20.71 3.89 35.34
C LYS D 5 -19.28 3.98 34.81
N ALA D 6 -18.31 3.82 35.70
CA ALA D 6 -16.90 3.83 35.31
C ALA D 6 -16.57 2.61 34.45
N VAL D 7 -17.19 1.48 34.77
CA VAL D 7 -17.04 0.27 33.97
C VAL D 7 -17.62 0.46 32.57
N ALA D 8 -18.82 1.03 32.50
CA ALA D 8 -19.49 1.23 31.22
C ALA D 8 -18.73 2.23 30.36
N GLN D 9 -18.17 3.26 31.00
CA GLN D 9 -17.37 4.23 30.27
C GLN D 9 -16.11 3.57 29.70
N ARG D 10 -15.46 2.76 30.53
CA ARG D 10 -14.28 2.02 30.12
C ARG D 10 -14.57 1.07 28.97
N ALA D 11 -15.63 0.27 29.11
CA ALA D 11 -15.99 -0.71 28.09
C ALA D 11 -16.28 -0.04 26.75
N LEU D 12 -16.97 1.09 26.80
CA LEU D 12 -17.36 1.82 25.60
C LEU D 12 -16.14 2.24 24.76
N SER D 13 -15.11 2.71 25.44
CA SER D 13 -13.91 3.19 24.75
C SER D 13 -13.10 2.04 24.18
N LEU D 14 -13.47 0.81 24.58
CA LEU D 14 -12.79 -0.38 24.10
C LEU D 14 -13.60 -1.19 23.10
N MET D 15 -14.77 -0.69 22.72
CA MET D 15 -15.65 -1.43 21.83
C MET D 15 -15.18 -1.42 20.37
N ASP D 16 -15.25 -2.60 19.75
CA ASP D 16 -15.31 -2.69 18.29
C ASP D 16 -16.77 -2.85 17.94
N LEU D 17 -17.43 -1.74 17.61
CA LEU D 17 -18.85 -1.79 17.30
C LEU D 17 -19.05 -2.62 16.02
N THR D 18 -19.74 -3.74 16.15
CA THR D 18 -19.71 -4.76 15.10
C THR D 18 -21.01 -4.91 14.31
N SER D 19 -20.91 -4.97 12.99
CA SER D 19 -22.03 -5.34 12.13
C SER D 19 -21.55 -6.29 11.04
N LEU D 20 -22.00 -7.54 11.09
CA LEU D 20 -21.55 -8.57 10.17
C LEU D 20 -22.72 -9.43 9.71
N THR D 21 -23.73 -8.78 9.13
CA THR D 21 -24.87 -9.52 8.58
C THR D 21 -24.55 -10.03 7.19
N ASN D 22 -23.53 -9.41 6.57
CA ASN D 22 -23.13 -9.66 5.18
C ASN D 22 -24.21 -9.25 4.18
N THR D 23 -25.23 -8.53 4.66
CA THR D 23 -26.25 -7.96 3.77
C THR D 23 -26.44 -6.48 4.03
N GLU D 24 -25.47 -5.86 4.71
CA GLU D 24 -25.54 -4.43 5.03
C GLU D 24 -25.70 -3.55 3.79
N THR D 25 -26.54 -2.51 3.92
CA THR D 25 -26.62 -1.47 2.91
C THR D 25 -25.60 -0.38 3.24
N ASP D 26 -25.35 0.50 2.29
CA ASP D 26 -24.44 1.62 2.50
C ASP D 26 -24.89 2.48 3.70
N GLN D 27 -26.19 2.67 3.82
CA GLN D 27 -26.76 3.51 4.88
C GLN D 27 -26.61 2.86 6.25
N GLU D 28 -26.73 1.54 6.31
CA GLU D 28 -26.51 0.81 7.56
C GLU D 28 -25.05 0.91 8.03
N ILE D 29 -24.12 0.95 7.08
CA ILE D 29 -22.71 1.14 7.44
C ILE D 29 -22.49 2.56 7.98
N ILE D 30 -23.07 3.55 7.31
CA ILE D 30 -22.96 4.93 7.75
C ILE D 30 -23.60 5.08 9.14
N ASP D 31 -24.76 4.46 9.34
CA ASP D 31 -25.45 4.49 10.62
C ASP D 31 -24.60 3.87 11.73
N LEU D 32 -23.86 2.82 11.39
CA LEU D 32 -22.96 2.18 12.34
C LEU D 32 -21.88 3.16 12.78
N CYS D 33 -21.33 3.88 11.80
CA CYS D 33 -20.32 4.89 12.08
C CYS D 33 -20.87 6.00 13.00
N ARG D 34 -22.12 6.38 12.78
CA ARG D 34 -22.76 7.41 13.61
C ARG D 34 -22.89 6.93 15.06
N GLN D 35 -23.29 5.67 15.24
CA GLN D 35 -23.41 5.09 16.57
C GLN D 35 -22.06 5.01 17.29
N ALA D 36 -21.01 4.72 16.52
CA ALA D 36 -19.65 4.64 17.07
C ALA D 36 -19.23 5.98 17.68
N LYS D 37 -19.83 7.07 17.20
CA LYS D 37 -19.64 8.39 17.76
C LYS D 37 -20.75 8.67 18.77
N SER D 38 -20.72 7.97 19.90
CA SER D 38 -21.82 7.96 20.85
C SER D 38 -21.83 9.21 21.73
N PRO D 39 -23.00 9.55 22.31
CA PRO D 39 -23.11 10.70 23.24
C PRO D 39 -22.20 10.61 24.46
N ALA D 40 -21.65 9.43 24.74
CA ALA D 40 -20.80 9.24 25.90
C ALA D 40 -19.34 9.12 25.49
N GLY D 41 -19.08 9.31 24.20
CA GLY D 41 -17.74 9.22 23.67
C GLY D 41 -17.69 8.34 22.43
N GLU D 42 -16.49 8.10 21.92
CA GLU D 42 -16.33 7.31 20.71
C GLU D 42 -15.84 5.90 21.04
N THR D 43 -16.27 4.93 20.25
CA THR D 43 -15.78 3.56 20.43
C THR D 43 -14.33 3.48 19.93
N ALA D 44 -13.66 2.37 20.20
CA ALA D 44 -12.30 2.19 19.71
C ALA D 44 -12.30 1.98 18.21
N ALA D 45 -13.24 1.14 17.75
CA ALA D 45 -13.29 0.76 16.34
C ALA D 45 -14.69 0.34 15.93
N ILE D 46 -14.86 0.15 14.63
CA ILE D 46 -16.01 -0.57 14.08
C ILE D 46 -15.50 -1.87 13.46
N CYS D 47 -16.38 -2.84 13.28
CA CYS D 47 -16.00 -4.10 12.66
C CYS D 47 -17.05 -4.48 11.64
N ILE D 48 -16.65 -4.51 10.36
CA ILE D 48 -17.54 -4.72 9.21
C ILE D 48 -16.87 -5.60 8.15
N PHE D 49 -17.66 -6.16 7.22
CA PHE D 49 -17.06 -6.95 6.14
C PHE D 49 -16.21 -6.06 5.23
N PRO D 50 -15.16 -6.64 4.62
CA PRO D 50 -14.14 -5.85 3.92
C PRO D 50 -14.67 -4.88 2.86
N ARG D 51 -15.71 -5.27 2.12
CA ARG D 51 -16.19 -4.42 1.03
C ARG D 51 -16.80 -3.10 1.51
N PHE D 52 -17.18 -3.02 2.79
CA PHE D 52 -17.84 -1.82 3.29
C PHE D 52 -16.83 -0.81 3.83
N ILE D 53 -15.55 -1.17 3.81
CA ILE D 53 -14.52 -0.30 4.37
C ILE D 53 -14.43 1.08 3.70
N PRO D 54 -14.43 1.15 2.34
CA PRO D 54 -14.29 2.50 1.77
C PRO D 54 -15.42 3.46 2.16
N VAL D 55 -16.67 2.99 2.16
CA VAL D 55 -17.82 3.79 2.59
C VAL D 55 -17.70 4.21 4.06
N ALA D 56 -17.25 3.29 4.91
CA ALA D 56 -17.09 3.58 6.34
C ALA D 56 -16.00 4.61 6.57
N LYS D 57 -14.88 4.44 5.86
CA LYS D 57 -13.76 5.36 5.97
C LYS D 57 -14.22 6.77 5.60
N LYS D 58 -15.05 6.86 4.57
CA LYS D 58 -15.61 8.15 4.15
C LYS D 58 -16.56 8.71 5.22
N ALA D 59 -17.40 7.85 5.78
CA ALA D 59 -18.34 8.27 6.81
C ALA D 59 -17.60 8.74 8.07
N LEU D 60 -16.55 8.02 8.44
CA LEU D 60 -15.82 8.37 9.65
C LEU D 60 -15.10 9.68 9.46
N LYS D 61 -14.53 9.89 8.27
CA LYS D 61 -13.88 11.16 7.95
C LYS D 61 -14.90 12.30 7.99
N ALA D 62 -16.08 12.05 7.44
CA ALA D 62 -17.12 13.07 7.33
C ALA D 62 -17.63 13.55 8.70
N GLN D 63 -17.64 12.67 9.68
CA GLN D 63 -18.13 13.01 11.02
C GLN D 63 -16.99 13.37 11.97
N GLN D 64 -15.82 13.64 11.40
CA GLN D 64 -14.67 14.12 12.16
C GLN D 64 -14.16 13.13 13.20
N THR D 65 -14.31 11.83 12.94
CA THR D 65 -13.79 10.83 13.88
C THR D 65 -12.82 9.85 13.20
N PRO D 66 -11.68 10.36 12.68
CA PRO D 66 -10.77 9.48 11.92
C PRO D 66 -9.98 8.55 12.85
N HIS D 67 -10.01 8.84 14.13
N HIS D 67 -10.01 8.85 14.14
CA HIS D 67 -9.34 8.04 15.14
CA HIS D 67 -9.34 8.04 15.15
C HIS D 67 -10.08 6.74 15.45
C HIS D 67 -10.06 6.73 15.42
N ILE D 68 -11.32 6.64 15.03
CA ILE D 68 -12.07 5.39 15.16
C ILE D 68 -11.57 4.41 14.10
N LYS D 69 -10.96 3.32 14.55
CA LYS D 69 -10.32 2.38 13.63
C LYS D 69 -11.35 1.53 12.88
N ILE D 70 -10.98 1.08 11.69
CA ILE D 70 -11.84 0.18 10.92
C ILE D 70 -11.28 -1.22 10.94
N ALA D 71 -11.97 -2.10 11.65
CA ALA D 71 -11.59 -3.51 11.73
C ALA D 71 -12.47 -4.31 10.80
N THR D 72 -11.93 -5.43 10.33
CA THR D 72 -12.69 -6.28 9.43
C THR D 72 -12.35 -7.75 9.75
N VAL D 73 -12.95 -8.67 9.00
CA VAL D 73 -12.75 -10.09 9.27
C VAL D 73 -12.34 -10.82 8.00
N THR D 74 -11.51 -11.86 8.13
CA THR D 74 -11.16 -12.72 7.01
C THR D 74 -11.16 -14.19 7.43
N ASN D 75 -11.22 -15.07 6.43
CA ASN D 75 -11.36 -16.51 6.67
C ASN D 75 -12.59 -16.74 7.55
N PHE D 76 -13.62 -15.92 7.32
CA PHE D 76 -14.73 -15.75 8.25
C PHE D 76 -16.03 -16.24 7.61
N PRO D 77 -16.82 -17.03 8.35
CA PRO D 77 -16.55 -17.44 9.73
C PRO D 77 -16.00 -18.86 9.89
N GLN D 78 -15.94 -19.62 8.81
CA GLN D 78 -15.67 -21.05 8.88
C GLN D 78 -14.31 -21.39 9.49
N GLY D 79 -13.33 -20.50 9.33
CA GLY D 79 -11.98 -20.80 9.80
C GLY D 79 -11.41 -22.01 9.09
N ASN D 80 -11.52 -22.04 7.76
CA ASN D 80 -11.00 -23.15 6.97
C ASN D 80 -9.48 -23.18 6.98
N ASP D 81 -8.92 -24.29 6.52
CA ASP D 81 -7.48 -24.50 6.58
C ASP D 81 -6.76 -24.20 5.25
N ASP D 82 -7.38 -23.42 4.38
CA ASP D 82 -6.74 -23.06 3.10
C ASP D 82 -5.97 -21.75 3.27
N LEU D 83 -4.66 -21.86 3.29
CA LEU D 83 -3.78 -20.72 3.55
C LEU D 83 -3.83 -19.69 2.42
N ASP D 84 -3.96 -20.15 1.17
CA ASP D 84 -4.01 -19.25 0.03
C ASP D 84 -5.24 -18.32 0.10
N ILE D 85 -6.39 -18.88 0.45
CA ILE D 85 -7.62 -18.12 0.49
C ILE D 85 -7.59 -17.07 1.61
N ALA D 86 -7.09 -17.48 2.78
CA ALA D 86 -7.00 -16.59 3.94
C ALA D 86 -6.02 -15.47 3.67
N LEU D 87 -4.91 -15.79 3.01
CA LEU D 87 -3.90 -14.79 2.67
C LEU D 87 -4.45 -13.78 1.67
N ALA D 88 -5.17 -14.26 0.66
CA ALA D 88 -5.73 -13.37 -0.36
C ALA D 88 -6.76 -12.42 0.24
N GLU D 89 -7.63 -12.96 1.09
CA GLU D 89 -8.64 -12.14 1.75
C GLU D 89 -8.00 -11.10 2.64
N THR D 90 -6.91 -11.48 3.30
CA THR D 90 -6.24 -10.55 4.21
C THR D 90 -5.56 -9.45 3.39
N ARG D 91 -4.95 -9.83 2.26
CA ARG D 91 -4.34 -8.83 1.39
C ARG D 91 -5.40 -7.85 0.87
N ALA D 92 -6.58 -8.39 0.55
CA ALA D 92 -7.67 -7.55 0.05
C ALA D 92 -8.17 -6.59 1.14
N ALA D 93 -8.38 -7.13 2.34
CA ALA D 93 -8.80 -6.30 3.48
C ALA D 93 -7.85 -5.14 3.67
N VAL D 94 -6.54 -5.42 3.60
CA VAL D 94 -5.55 -4.35 3.74
C VAL D 94 -5.66 -3.36 2.57
N ALA D 95 -5.80 -3.87 1.35
CA ALA D 95 -5.92 -3.01 0.17
C ALA D 95 -7.15 -2.09 0.26
N TYR D 96 -8.24 -2.60 0.84
CA TYR D 96 -9.46 -1.82 1.04
C TYR D 96 -9.23 -0.65 1.98
N GLY D 97 -8.23 -0.78 2.86
CA GLY D 97 -7.93 0.25 3.82
C GLY D 97 -8.19 -0.13 5.29
N ALA D 98 -8.30 -1.43 5.58
CA ALA D 98 -8.52 -1.87 6.96
C ALA D 98 -7.39 -1.40 7.89
N ASP D 99 -7.77 -0.94 9.07
CA ASP D 99 -6.80 -0.67 10.13
C ASP D 99 -6.48 -1.94 10.89
N GLU D 100 -7.45 -2.85 10.95
CA GLU D 100 -7.29 -4.07 11.73
C GLU D 100 -7.99 -5.21 11.03
N VAL D 101 -7.34 -6.36 11.00
CA VAL D 101 -7.92 -7.55 10.39
C VAL D 101 -8.09 -8.65 11.43
N ASP D 102 -9.33 -9.08 11.63
CA ASP D 102 -9.63 -10.17 12.54
C ASP D 102 -9.70 -11.49 11.75
N LEU D 103 -8.61 -12.24 11.77
CA LEU D 103 -8.50 -13.51 11.06
C LEU D 103 -9.09 -14.67 11.86
N VAL D 104 -9.81 -15.59 11.22
CA VAL D 104 -10.27 -16.77 11.94
C VAL D 104 -9.26 -17.89 11.83
N PHE D 105 -8.74 -18.31 12.98
CA PHE D 105 -7.79 -19.40 13.09
C PHE D 105 -8.40 -20.70 12.57
N PRO D 106 -7.58 -21.57 11.93
CA PRO D 106 -8.03 -22.90 11.47
C PRO D 106 -8.12 -23.87 12.64
N TYR D 107 -9.14 -23.69 13.47
CA TYR D 107 -9.21 -24.42 14.74
C TYR D 107 -9.52 -25.90 14.56
N ARG D 108 -10.31 -26.23 13.54
CA ARG D 108 -10.64 -27.62 13.27
C ARG D 108 -9.38 -28.42 12.96
N ALA D 109 -8.49 -27.85 12.16
CA ALA D 109 -7.23 -28.53 11.84
C ALA D 109 -6.44 -28.80 13.12
N LEU D 110 -6.45 -27.85 14.04
CA LEU D 110 -5.76 -28.01 15.31
C LEU D 110 -6.37 -29.16 16.13
N ILE D 111 -7.71 -29.23 16.14
CA ILE D 111 -8.42 -30.31 16.81
C ILE D 111 -8.02 -31.67 16.23
N GLN D 112 -7.86 -31.72 14.91
CA GLN D 112 -7.47 -32.95 14.23
C GLN D 112 -5.96 -33.20 14.35
N GLY D 113 -5.26 -32.36 15.11
CA GLY D 113 -3.85 -32.56 15.39
C GLY D 113 -2.86 -31.81 14.50
N ASN D 114 -3.37 -30.89 13.68
CA ASN D 114 -2.52 -30.06 12.83
C ASN D 114 -2.25 -28.70 13.46
N GLU D 115 -1.08 -28.55 14.08
CA GLU D 115 -0.70 -27.27 14.66
C GLU D 115 0.04 -26.39 13.65
N THR D 116 0.58 -27.03 12.61
CA THR D 116 1.44 -26.35 11.65
C THR D 116 0.69 -25.36 10.76
N ILE D 117 -0.48 -25.76 10.28
CA ILE D 117 -1.25 -24.89 9.40
C ILE D 117 -1.73 -23.63 10.14
N GLY D 118 -2.04 -23.77 11.42
CA GLY D 118 -2.44 -22.64 12.24
C GLY D 118 -1.34 -21.61 12.35
N PHE D 119 -0.14 -22.08 12.67
CA PHE D 119 1.03 -21.21 12.76
C PHE D 119 1.32 -20.55 11.41
N ASP D 120 1.26 -21.33 10.34
CA ASP D 120 1.58 -20.82 9.00
C ASP D 120 0.60 -19.75 8.55
N MET D 121 -0.70 -19.98 8.78
CA MET D 121 -1.72 -19.06 8.31
C MET D 121 -1.68 -17.72 9.05
N VAL D 122 -1.52 -17.77 10.37
CA VAL D 122 -1.41 -16.53 11.15
C VAL D 122 -0.18 -15.75 10.72
N LYS D 123 0.93 -16.44 10.54
CA LYS D 123 2.17 -15.77 10.15
C LYS D 123 2.07 -15.08 8.78
N VAL D 124 1.50 -15.74 7.77
CA VAL D 124 1.49 -15.09 6.46
C VAL D 124 0.53 -13.91 6.46
N CYS D 125 -0.61 -14.07 7.14
CA CYS D 125 -1.57 -12.98 7.26
C CYS D 125 -1.01 -11.82 8.09
N LYS D 126 -0.16 -12.13 9.06
CA LYS D 126 0.49 -11.06 9.81
C LYS D 126 1.40 -10.29 8.87
N GLN D 127 2.22 -11.02 8.13
CA GLN D 127 3.10 -10.41 7.14
C GLN D 127 2.33 -9.54 6.16
N ALA D 128 1.15 -9.99 5.75
CA ALA D 128 0.33 -9.25 4.80
C ALA D 128 -0.16 -7.93 5.40
N CYS D 129 -0.26 -7.86 6.72
CA CYS D 129 -0.69 -6.64 7.41
C CYS D 129 0.45 -5.67 7.72
N SER D 130 1.69 -6.11 7.50
CA SER D 130 2.85 -5.32 7.91
C SER D 130 2.79 -3.88 7.41
N GLY D 131 2.86 -2.94 8.34
CA GLY D 131 2.91 -1.52 8.03
C GLY D 131 1.55 -0.88 7.83
N ASN D 132 0.49 -1.67 7.80
CA ASN D 132 -0.83 -1.11 7.50
C ASN D 132 -1.92 -1.45 8.51
N ALA D 133 -1.87 -2.65 9.08
CA ALA D 133 -2.92 -3.09 9.98
C ALA D 133 -2.44 -3.98 11.13
N LYS D 134 -3.23 -4.06 12.19
CA LYS D 134 -3.00 -5.04 13.25
C LYS D 134 -3.75 -6.31 12.92
N LEU D 135 -3.27 -7.45 13.40
CA LEU D 135 -3.95 -8.71 13.15
C LEU D 135 -4.49 -9.30 14.45
N LYS D 136 -5.82 -9.49 14.51
CA LYS D 136 -6.43 -10.23 15.61
C LYS D 136 -6.68 -11.64 15.12
N VAL D 137 -6.46 -12.63 15.98
CA VAL D 137 -6.70 -14.00 15.59
C VAL D 137 -7.84 -14.60 16.40
N ILE D 138 -8.89 -15.00 15.68
CA ILE D 138 -10.05 -15.63 16.30
C ILE D 138 -9.86 -17.13 16.40
N ILE D 139 -9.74 -17.65 17.61
CA ILE D 139 -9.44 -19.06 17.77
C ILE D 139 -10.69 -19.92 17.95
N GLU D 140 -11.84 -19.27 18.11
CA GLU D 140 -13.11 -19.97 18.29
C GLU D 140 -13.07 -20.90 19.52
N THR D 141 -13.05 -20.27 20.70
CA THR D 141 -12.96 -21.00 21.96
C THR D 141 -14.14 -21.97 22.15
N GLY D 142 -15.33 -21.54 21.75
CA GLY D 142 -16.51 -22.39 21.81
C GLY D 142 -16.42 -23.68 21.03
N GLU D 143 -15.52 -23.76 20.07
CA GLU D 143 -15.34 -25.00 19.32
C GLU D 143 -14.12 -25.77 19.83
N LEU D 144 -13.14 -25.04 20.35
CA LEU D 144 -11.97 -25.67 20.96
C LEU D 144 -12.35 -26.34 22.29
N LYS D 145 -13.37 -25.81 22.95
CA LYS D 145 -14.00 -26.42 24.12
C LYS D 145 -13.09 -26.59 25.33
N SER D 146 -12.09 -27.47 25.20
CA SER D 146 -11.22 -27.78 26.33
C SER D 146 -10.23 -26.65 26.59
N GLU D 147 -9.75 -26.60 27.83
CA GLU D 147 -8.76 -25.61 28.24
C GLU D 147 -7.43 -25.85 27.51
N GLU D 148 -7.09 -27.11 27.30
CA GLU D 148 -5.85 -27.48 26.64
C GLU D 148 -5.80 -26.95 25.19
N LEU D 149 -6.93 -27.03 24.49
CA LEU D 149 -7.01 -26.56 23.10
C LEU D 149 -7.07 -25.05 22.99
N ILE D 150 -7.80 -24.41 23.91
CA ILE D 150 -7.87 -22.96 23.97
C ILE D 150 -6.50 -22.37 24.27
N ARG D 151 -5.78 -23.00 25.19
CA ARG D 151 -4.43 -22.55 25.52
C ARG D 151 -3.49 -22.73 24.34
N LYS D 152 -3.51 -23.92 23.76
CA LYS D 152 -2.58 -24.28 22.68
C LYS D 152 -2.80 -23.39 21.45
N ALA D 153 -4.05 -23.09 21.13
CA ALA D 153 -4.36 -22.21 20.00
C ALA D 153 -3.91 -20.79 20.28
N SER D 154 -4.07 -20.36 21.54
CA SER D 154 -3.62 -19.04 21.95
C SER D 154 -2.11 -18.96 21.81
N GLU D 155 -1.40 -20.00 22.25
CA GLU D 155 0.06 -20.03 22.17
C GLU D 155 0.56 -20.01 20.73
N ILE D 156 -0.08 -20.78 19.86
CA ILE D 156 0.30 -20.83 18.45
C ILE D 156 0.08 -19.47 17.79
N ALA D 157 -1.07 -18.85 18.05
CA ALA D 157 -1.39 -17.56 17.46
C ALA D 157 -0.39 -16.49 17.89
N ILE D 158 -0.03 -16.49 19.18
CA ILE D 158 0.94 -15.52 19.67
C ILE D 158 2.32 -15.79 19.07
N ASN D 159 2.74 -17.04 19.07
CA ASN D 159 4.01 -17.43 18.47
C ASN D 159 4.13 -17.01 17.02
N ALA D 160 3.02 -17.07 16.29
CA ALA D 160 3.02 -16.75 14.87
C ALA D 160 2.89 -15.25 14.61
N GLY D 161 2.78 -14.48 15.68
CA GLY D 161 2.82 -13.02 15.57
C GLY D 161 1.50 -12.26 15.74
N ALA D 162 0.46 -12.91 16.26
CA ALA D 162 -0.82 -12.24 16.49
C ALA D 162 -0.67 -10.98 17.35
N ASP D 163 -1.35 -9.90 16.95
CA ASP D 163 -1.39 -8.68 17.76
C ASP D 163 -2.46 -8.77 18.84
N PHE D 164 -3.55 -9.47 18.51
CA PHE D 164 -4.62 -9.76 19.47
C PHE D 164 -4.97 -11.23 19.41
N ILE D 165 -5.58 -11.73 20.48
CA ILE D 165 -6.28 -13.00 20.38
C ILE D 165 -7.74 -12.78 20.77
N LYS D 166 -8.62 -13.24 19.90
CA LYS D 166 -10.05 -13.00 19.99
C LYS D 166 -10.76 -14.33 20.25
N THR D 167 -11.75 -14.33 21.15
CA THR D 167 -12.38 -15.59 21.56
C THR D 167 -13.18 -16.26 20.45
N SER D 168 -14.03 -15.50 19.76
CA SER D 168 -15.05 -16.10 18.90
C SER D 168 -15.46 -15.27 17.68
N THR D 169 -16.10 -15.94 16.72
CA THR D 169 -16.62 -15.31 15.51
C THR D 169 -17.96 -14.62 15.74
N GLY D 170 -18.65 -15.01 16.80
CA GLY D 170 -20.01 -14.56 17.06
C GLY D 170 -21.02 -15.28 16.20
N LYS D 171 -20.59 -16.33 15.50
CA LYS D 171 -21.46 -17.03 14.55
C LYS D 171 -21.64 -18.50 14.90
N VAL D 172 -21.06 -18.94 16.01
CA VAL D 172 -21.23 -20.32 16.45
C VAL D 172 -22.08 -20.41 17.72
N ALA D 173 -22.28 -21.64 18.19
CA ALA D 173 -23.13 -21.90 19.34
C ALA D 173 -22.59 -21.24 20.60
N ILE D 174 -21.38 -21.63 21.01
CA ILE D 174 -20.74 -21.04 22.17
C ILE D 174 -19.73 -19.96 21.79
N ASN D 175 -19.95 -18.74 22.26
CA ASN D 175 -19.03 -17.65 21.99
C ASN D 175 -18.10 -17.40 23.17
N ALA D 176 -17.95 -16.13 23.55
CA ALA D 176 -17.06 -15.76 24.64
C ALA D 176 -17.62 -16.28 25.95
N THR D 177 -16.77 -16.92 26.75
CA THR D 177 -17.12 -17.35 28.13
C THR D 177 -16.03 -16.92 29.11
N PRO D 178 -16.39 -16.73 30.40
CA PRO D 178 -15.38 -16.36 31.41
C PRO D 178 -14.21 -17.34 31.44
N GLU D 179 -14.50 -18.64 31.42
CA GLU D 179 -13.47 -19.68 31.53
C GLU D 179 -12.46 -19.61 30.39
N ALA D 180 -12.93 -19.49 29.16
CA ALA D 180 -12.03 -19.36 28.02
C ALA D 180 -11.20 -18.09 28.16
N ALA D 181 -11.85 -17.00 28.55
CA ALA D 181 -11.17 -15.71 28.70
C ALA D 181 -10.04 -15.79 29.73
N LYS D 182 -10.25 -16.49 30.84
CA LYS D 182 -9.20 -16.62 31.85
C LYS D 182 -7.98 -17.33 31.27
N VAL D 183 -8.22 -18.39 30.50
CA VAL D 183 -7.14 -19.17 29.90
C VAL D 183 -6.32 -18.35 28.90
N MET D 184 -6.99 -17.53 28.09
CA MET D 184 -6.32 -16.73 27.08
C MET D 184 -5.50 -15.59 27.69
N LEU D 185 -6.04 -14.96 28.72
CA LEU D 185 -5.32 -13.91 29.44
C LEU D 185 -4.09 -14.47 30.17
N THR D 186 -4.22 -15.66 30.72
CA THR D 186 -3.09 -16.29 31.41
C THR D 186 -1.98 -16.62 30.41
N VAL D 187 -2.35 -17.07 29.21
CA VAL D 187 -1.37 -17.32 28.17
C VAL D 187 -0.66 -16.03 27.80
N ILE D 188 -1.42 -14.96 27.65
CA ILE D 188 -0.84 -13.64 27.38
C ILE D 188 0.13 -13.25 28.49
N LYS D 189 -0.29 -13.44 29.75
CA LYS D 189 0.57 -13.09 30.89
C LYS D 189 1.88 -13.86 30.85
N ASN D 190 1.84 -15.09 30.35
CA ASN D 190 3.02 -15.95 30.33
C ASN D 190 3.87 -15.83 29.07
N LYS D 191 3.26 -15.52 27.93
CA LYS D 191 3.99 -15.45 26.67
C LYS D 191 4.38 -14.03 26.30
N ASN D 192 3.39 -13.16 26.18
CA ASN D 192 3.62 -11.79 25.73
C ASN D 192 2.50 -10.87 26.19
N THR D 193 2.82 -10.01 27.16
CA THR D 193 1.82 -9.10 27.71
C THR D 193 1.52 -7.94 26.75
N ALA D 194 2.19 -7.90 25.61
CA ALA D 194 1.94 -6.88 24.61
C ALA D 194 0.83 -7.32 23.64
N VAL D 195 0.51 -8.61 23.66
CA VAL D 195 -0.56 -9.15 22.83
C VAL D 195 -1.90 -8.85 23.48
N GLY D 196 -2.84 -8.32 22.70
CA GLY D 196 -4.11 -7.90 23.25
C GLY D 196 -5.14 -9.01 23.34
N PHE D 197 -6.21 -8.75 24.09
CA PHE D 197 -7.31 -9.70 24.25
C PHE D 197 -8.63 -9.10 23.78
N LYS D 198 -9.45 -9.91 23.10
CA LYS D 198 -10.74 -9.44 22.62
C LYS D 198 -11.85 -10.48 22.83
N PRO D 199 -12.60 -10.35 23.94
CA PRO D 199 -13.81 -11.17 24.09
C PRO D 199 -14.86 -10.75 23.06
N ALA D 200 -15.49 -11.73 22.41
CA ALA D 200 -16.46 -11.42 21.36
C ALA D 200 -17.63 -12.39 21.38
N GLY D 201 -18.82 -11.86 21.11
CA GLY D 201 -20.02 -12.66 21.09
C GLY D 201 -20.52 -12.90 22.50
N GLY D 202 -21.83 -12.67 22.68
CA GLY D 202 -22.46 -12.92 23.97
C GLY D 202 -22.22 -11.85 25.03
N VAL D 203 -21.50 -10.78 24.70
CA VAL D 203 -21.30 -9.70 25.67
C VAL D 203 -22.44 -8.68 25.52
N ARG D 204 -23.46 -8.81 26.37
CA ARG D 204 -24.71 -8.10 26.12
C ARG D 204 -24.91 -6.84 26.96
N ASN D 205 -24.40 -6.83 28.18
CA ASN D 205 -24.57 -5.67 29.05
C ASN D 205 -23.32 -5.27 29.82
N ALA D 206 -23.42 -4.18 30.57
CA ALA D 206 -22.32 -3.66 31.37
C ALA D 206 -21.80 -4.70 32.36
N ASP D 207 -22.71 -5.51 32.88
CA ASP D 207 -22.32 -6.54 33.83
C ASP D 207 -21.52 -7.65 33.16
N ASP D 208 -21.93 -8.07 31.98
CA ASP D 208 -21.15 -9.02 31.20
C ASP D 208 -19.75 -8.46 30.94
N ALA D 209 -19.68 -7.18 30.58
CA ALA D 209 -18.40 -6.54 30.28
C ALA D 209 -17.50 -6.47 31.51
N ALA D 210 -18.10 -6.16 32.66
CA ALA D 210 -17.38 -6.11 33.93
C ALA D 210 -16.64 -7.43 34.19
N ILE D 211 -17.30 -8.54 33.88
CA ILE D 211 -16.69 -9.87 34.05
C ILE D 211 -15.35 -9.98 33.34
N TYR D 212 -15.30 -9.62 32.05
CA TYR D 212 -14.07 -9.77 31.28
C TYR D 212 -13.06 -8.68 31.68
N LEU D 213 -13.55 -7.49 32.03
CA LEU D 213 -12.64 -6.43 32.47
C LEU D 213 -12.03 -6.76 33.84
N ASP D 214 -12.79 -7.43 34.69
CA ASP D 214 -12.29 -7.84 36.01
C ASP D 214 -11.19 -8.88 35.88
N LEU D 215 -11.37 -9.82 34.95
CA LEU D 215 -10.39 -10.87 34.69
C LEU D 215 -9.06 -10.28 34.23
N ALA D 216 -9.14 -9.29 33.34
CA ALA D 216 -7.95 -8.64 32.81
C ALA D 216 -7.20 -7.89 33.91
N ASP D 217 -7.95 -7.26 34.80
CA ASP D 217 -7.36 -6.54 35.92
C ASP D 217 -6.70 -7.51 36.90
N ASN D 218 -7.41 -8.57 37.24
CA ASN D 218 -6.94 -9.54 38.21
C ASN D 218 -5.74 -10.34 37.71
N ILE D 219 -5.70 -10.62 36.41
CA ILE D 219 -4.62 -11.45 35.87
C ILE D 219 -3.40 -10.64 35.45
N LEU D 220 -3.62 -9.52 34.79
CA LEU D 220 -2.51 -8.75 34.23
C LEU D 220 -2.29 -7.39 34.88
N GLY D 221 -3.19 -7.00 35.78
CA GLY D 221 -3.05 -5.73 36.47
C GLY D 221 -4.10 -4.72 36.04
N ASN D 222 -4.34 -3.74 36.91
CA ASN D 222 -5.38 -2.74 36.70
C ASN D 222 -5.21 -1.85 35.49
N GLU D 223 -3.97 -1.54 35.14
CA GLU D 223 -3.72 -0.58 34.08
C GLU D 223 -3.42 -1.23 32.73
N TRP D 224 -3.51 -2.55 32.65
CA TRP D 224 -3.16 -3.26 31.42
C TRP D 224 -4.18 -3.05 30.30
N ALA D 225 -5.46 -3.23 30.62
CA ALA D 225 -6.49 -3.25 29.57
C ALA D 225 -6.86 -1.86 29.06
N ASP D 226 -6.16 -1.43 28.02
CA ASP D 226 -6.49 -0.21 27.29
C ASP D 226 -6.88 -0.58 25.85
N ALA D 227 -7.05 0.44 25.01
CA ALA D 227 -7.46 0.22 23.63
C ALA D 227 -6.48 -0.65 22.84
N ASN D 228 -5.22 -0.67 23.27
CA ASN D 228 -4.17 -1.44 22.59
C ASN D 228 -4.04 -2.89 23.06
N HIS D 229 -4.76 -3.24 24.14
CA HIS D 229 -4.62 -4.56 24.73
C HIS D 229 -5.97 -5.23 24.97
N PHE D 230 -7.05 -4.49 24.74
CA PHE D 230 -8.38 -4.99 25.10
C PHE D 230 -9.47 -4.38 24.22
N ARG D 231 -10.28 -5.25 23.62
CA ARG D 231 -11.41 -4.81 22.80
C ARG D 231 -12.64 -5.67 23.07
N PHE D 232 -13.81 -5.04 23.04
CA PHE D 232 -15.06 -5.82 23.06
C PHE D 232 -15.63 -6.01 21.65
N GLY D 233 -15.76 -7.25 21.23
CA GLY D 233 -16.44 -7.59 19.99
C GLY D 233 -17.92 -7.72 20.28
N ALA D 234 -18.66 -6.64 20.01
CA ALA D 234 -20.05 -6.56 20.43
C ALA D 234 -20.80 -5.48 19.64
N SER D 235 -22.11 -5.43 19.84
CA SER D 235 -22.94 -4.43 19.16
C SER D 235 -23.98 -3.84 20.11
N SER D 236 -25.02 -4.61 20.43
CA SER D 236 -26.08 -4.13 21.31
C SER D 236 -25.57 -3.83 22.73
N LEU D 237 -24.33 -4.24 23.02
CA LEU D 237 -23.67 -3.87 24.27
C LEU D 237 -23.66 -2.36 24.46
N LEU D 238 -23.53 -1.62 23.36
CA LEU D 238 -23.45 -0.16 23.37
C LEU D 238 -24.72 0.45 23.96
N ILE D 239 -25.87 -0.08 23.56
CA ILE D 239 -27.14 0.33 24.13
C ILE D 239 -27.17 0.21 25.65
N SER D 240 -26.63 -0.90 26.15
CA SER D 240 -26.56 -1.14 27.58
C SER D 240 -25.62 -0.14 28.24
N LEU D 241 -24.51 0.15 27.57
CA LEU D 241 -23.52 1.07 28.12
C LEU D 241 -24.05 2.50 28.16
N LEU D 242 -24.65 2.94 27.06
CA LEU D 242 -25.25 4.27 27.00
C LEU D 242 -26.35 4.42 28.06
N ASP D 243 -27.16 3.39 28.25
CA ASP D 243 -28.23 3.46 29.27
C ASP D 243 -27.67 3.56 30.68
N THR D 244 -26.61 2.80 30.96
CA THR D 244 -25.96 2.83 32.26
C THR D 244 -25.38 4.23 32.54
N LEU D 245 -24.90 4.88 31.49
CA LEU D 245 -24.30 6.20 31.63
C LEU D 245 -25.35 7.30 31.63
N GLY D 246 -26.61 6.92 31.41
CA GLY D 246 -27.71 7.86 31.43
C GLY D 246 -27.96 8.59 30.13
N HIS D 247 -27.94 7.85 29.02
CA HIS D 247 -28.22 8.42 27.70
C HIS D 247 -29.36 7.70 26.99
N LYS D 248 -30.49 8.39 26.81
CA LYS D 248 -31.63 7.82 26.10
C LYS D 248 -31.40 7.82 24.58
C4 UNL E . 10.87 24.14 9.57
C3 UNL E . 10.79 23.71 8.11
O UNL E . 12.06 23.16 7.71
C2 UNL E . 9.67 22.70 7.87
C1 UNL E . 9.24 22.59 6.40
C UNL E . 8.20 21.52 6.14
C1 GOL F . -0.79 3.28 6.90
O1 GOL F . -0.45 4.63 7.16
C2 GOL F . -2.16 3.29 6.22
O2 GOL F . -2.03 2.95 4.87
C3 GOL F . -3.07 2.30 6.95
O3 GOL F . -4.39 2.40 6.48
C1 GOL G . -9.38 18.92 1.43
O1 GOL G . -10.79 19.01 1.38
C2 GOL G . -8.85 18.55 0.06
O2 GOL G . -8.63 17.15 -0.01
C3 GOL G . -9.85 18.96 -1.02
O3 GOL G . -9.30 18.71 -2.30
C4 UNL H . 30.92 -2.04 -2.47
C3 UNL H . 29.83 -2.43 -1.48
O UNL H . 29.53 -1.30 -0.64
C2 UNL H . 28.57 -2.86 -2.20
C1 UNL H . 27.41 -3.15 -1.24
C UNL H . 26.12 -3.48 -1.96
C1 GOL I . 15.68 -17.07 -9.61
O1 GOL I . 15.10 -18.18 -10.26
C2 GOL I . 14.97 -16.85 -8.29
O2 GOL I . 14.08 -15.76 -8.40
C3 GOL I . 14.17 -18.09 -7.89
O3 GOL I . 13.64 -17.93 -6.59
C4 UNL J . -24.27 -9.56 -17.02
C3 UNL J . -23.78 -8.18 -16.59
O UNL J . -24.34 -7.90 -15.30
C2 UNL J . -22.25 -8.11 -16.52
C1 UNL J . -21.72 -6.75 -16.08
C UNL J . -20.21 -6.70 -15.96
C4 UNL K . -19.75 -10.00 17.56
C3 UNL K . -18.84 -10.83 16.67
O UNL K . -19.52 -11.14 15.44
C2 UNL K . -17.52 -10.11 16.38
C1 UNL K . -16.51 -10.99 15.65
C UNL K . -15.26 -10.22 15.26
C1 GOL L . 3.25 -7.93 20.04
O1 GOL L . 4.61 -8.03 20.39
C2 GOL L . 2.99 -8.66 18.72
O2 GOL L . 2.87 -7.74 17.66
C3 GOL L . 4.16 -9.61 18.42
O3 GOL L . 3.97 -10.16 17.15
#